data_7LUJ
#
_entry.id   7LUJ
#
_cell.length_a   69.380
_cell.length_b   59.446
_cell.length_c   105.427
_cell.angle_alpha   90.000
_cell.angle_beta   104.862
_cell.angle_gamma   90.000
#
_symmetry.space_group_name_H-M   'P 1 21 1'
#
loop_
_entity.id
_entity.type
_entity.pdbx_description
1 polymer 'Thiol:disulfide interchange protein'
2 non-polymer 4-methoxy-~{N}-phenyl-benzenesulfonamide
3 non-polymer 'SULFATE ION'
4 water water
#
_entity_poly.entity_id   1
_entity_poly.type   'polypeptide(L)'
_entity_poly.pdbx_seq_one_letter_code
;SNAAGFAQASPSAPVAGKDFEVMKSPQPVSAPAGKVEVIEFFWYGCPHCYEFEPTIEAWVKKQGDKIAFKRVPVAFRDDF
VPHSKLFYALAALGVSEKVTPAVFNAIHKEKNYLLTPQAQADFLATQGVDKKKFLDAYNSFSVQGQVKQSAELLKNYNID
GVPTIVVQGKYKTGPAYTNSLEGTAQVLDFLVKQVQDKKL
;
_entity_poly.pdbx_strand_id   A,B,C,D
#
loop_
_chem_comp.id
_chem_comp.type
_chem_comp.name
_chem_comp.formula
SO4 non-polymer 'SULFATE ION' 'O4 S -2'
YCY non-polymer 4-methoxy-~{N}-phenyl-benzenesulfonamide 'C13 H13 N O3 S'
#
# COMPACT_ATOMS: atom_id res chain seq x y z
N SER A 12 -25.55 -2.50 -3.99
CA SER A 12 -24.74 -2.14 -2.83
C SER A 12 -24.37 -0.66 -2.86
N ALA A 13 -24.30 -0.04 -1.68
CA ALA A 13 -23.96 1.36 -1.60
C ALA A 13 -22.54 1.59 -2.10
N PRO A 14 -22.26 2.74 -2.69
CA PRO A 14 -20.88 3.01 -3.12
C PRO A 14 -19.94 3.11 -1.93
N VAL A 15 -18.70 2.71 -2.14
CA VAL A 15 -17.68 2.71 -1.10
C VAL A 15 -16.68 3.81 -1.38
N ALA A 16 -16.19 4.44 -0.32
CA ALA A 16 -15.23 5.53 -0.45
C ALA A 16 -13.84 4.96 -0.65
N GLY A 17 -13.18 5.40 -1.73
CA GLY A 17 -11.85 4.95 -2.10
C GLY A 17 -11.83 4.10 -3.34
N LYS A 18 -12.89 3.33 -3.58
CA LYS A 18 -12.98 2.51 -4.79
C LYS A 18 -13.92 3.13 -5.82
N ASP A 19 -15.17 3.39 -5.42
CA ASP A 19 -16.17 3.93 -6.34
C ASP A 19 -16.15 5.45 -6.42
N PHE A 20 -15.58 6.13 -5.43
CA PHE A 20 -15.40 7.56 -5.49
C PHE A 20 -14.27 7.93 -4.53
N GLU A 21 -13.68 9.10 -4.75
CA GLU A 21 -12.53 9.56 -3.98
C GLU A 21 -12.94 10.76 -3.14
N VAL A 22 -12.55 10.76 -1.88
CA VAL A 22 -12.73 11.90 -0.99
C VAL A 22 -11.48 12.77 -1.11
N MET A 23 -11.61 13.92 -1.75
CA MET A 23 -10.43 14.75 -2.01
C MET A 23 -9.83 15.23 -0.70
N LYS A 24 -8.51 15.03 -0.56
CA LYS A 24 -7.81 15.48 0.64
C LYS A 24 -7.89 17.00 0.78
N SER A 25 -8.02 17.71 -0.33
CA SER A 25 -8.13 19.18 -0.34
C SER A 25 -9.40 19.56 -1.10
N PRO A 26 -10.55 19.55 -0.42
CA PRO A 26 -11.79 19.97 -1.09
C PRO A 26 -11.71 21.41 -1.57
N GLN A 27 -12.46 21.72 -2.61
CA GLN A 27 -12.46 23.01 -3.27
C GLN A 27 -13.73 23.81 -2.97
N PRO A 28 -13.66 25.14 -3.11
CA PRO A 28 -14.85 25.96 -2.87
C PRO A 28 -15.96 25.63 -3.85
N VAL A 29 -17.19 25.49 -3.32
CA VAL A 29 -18.35 25.18 -4.14
C VAL A 29 -19.06 26.47 -4.53
N SER A 30 -19.41 26.58 -5.80
CA SER A 30 -20.10 27.77 -6.29
C SER A 30 -21.60 27.68 -6.11
N ALA A 31 -22.15 26.49 -5.92
CA ALA A 31 -23.59 26.35 -5.77
C ALA A 31 -24.04 27.00 -4.47
N PRO A 32 -25.26 27.53 -4.44
CA PRO A 32 -25.81 28.12 -3.21
C PRO A 32 -26.24 27.03 -2.23
N ALA A 33 -26.68 27.47 -1.07
CA ALA A 33 -27.22 26.54 -0.09
C ALA A 33 -28.53 25.94 -0.59
N GLY A 34 -28.72 24.65 -0.34
CA GLY A 34 -29.87 23.93 -0.82
C GLY A 34 -29.65 23.22 -2.15
N LYS A 35 -28.56 23.52 -2.85
CA LYS A 35 -28.22 22.86 -4.10
C LYS A 35 -26.86 22.20 -3.95
N VAL A 36 -26.70 21.05 -4.57
CA VAL A 36 -25.44 20.31 -4.57
C VAL A 36 -24.69 20.64 -5.85
N GLU A 37 -23.44 21.05 -5.71
CA GLU A 37 -22.62 21.37 -6.87
C GLU A 37 -22.18 20.08 -7.54
N VAL A 38 -22.33 20.02 -8.87
CA VAL A 38 -21.89 18.89 -9.67
C VAL A 38 -21.08 19.45 -10.83
N ILE A 39 -19.83 19.01 -10.95
CA ILE A 39 -18.93 19.48 -11.99
C ILE A 39 -18.48 18.28 -12.81
N GLU A 40 -18.66 18.36 -14.12
CA GLU A 40 -18.19 17.32 -15.02
C GLU A 40 -16.96 17.83 -15.78
N PHE A 41 -15.79 17.32 -15.42
CA PHE A 41 -14.61 17.49 -16.25
C PHE A 41 -14.69 16.53 -17.42
N PHE A 42 -14.63 17.06 -18.64
CA PHE A 42 -14.79 16.25 -19.83
C PHE A 42 -13.89 16.77 -20.94
N TRP A 43 -13.84 16.02 -22.03
CA TRP A 43 -13.11 16.40 -23.24
C TRP A 43 -13.93 15.96 -24.45
N TYR A 44 -14.12 16.90 -25.39
CA TYR A 44 -14.91 16.60 -26.58
C TYR A 44 -14.45 15.33 -27.28
N GLY A 45 -13.15 15.08 -27.28
CA GLY A 45 -12.59 13.95 -27.98
C GLY A 45 -12.56 12.65 -27.22
N CYS A 46 -12.96 12.66 -25.95
N CYS A 46 -13.02 12.65 -25.97
CA CYS A 46 -12.95 11.44 -25.16
CA CYS A 46 -12.97 11.45 -25.14
C CYS A 46 -14.19 10.62 -25.50
C CYS A 46 -14.19 10.59 -25.39
N PRO A 47 -14.05 9.34 -25.86
CA PRO A 47 -15.24 8.56 -26.21
C PRO A 47 -16.18 8.33 -25.04
N HIS A 48 -15.66 8.10 -23.83
N HIS A 48 -15.66 8.10 -23.83
CA HIS A 48 -16.53 7.95 -22.68
CA HIS A 48 -16.53 7.93 -22.68
C HIS A 48 -17.36 9.20 -22.44
C HIS A 48 -17.35 9.19 -22.42
N CYS A 49 -16.75 10.39 -22.57
N CYS A 49 -16.74 10.36 -22.58
CA CYS A 49 -17.50 11.62 -22.42
CA CYS A 49 -17.49 11.61 -22.42
C CYS A 49 -18.63 11.71 -23.43
C CYS A 49 -18.64 11.69 -23.43
N TYR A 50 -18.35 11.35 -24.69
CA TYR A 50 -19.39 11.31 -25.71
C TYR A 50 -20.45 10.28 -25.38
N GLU A 51 -20.03 9.11 -24.90
CA GLU A 51 -20.99 8.07 -24.54
C GLU A 51 -21.84 8.46 -23.35
N PHE A 52 -21.29 9.23 -22.42
CA PHE A 52 -21.96 9.62 -21.18
C PHE A 52 -22.91 10.79 -21.36
N GLU A 53 -22.70 11.64 -22.37
CA GLU A 53 -23.50 12.84 -22.55
C GLU A 53 -25.00 12.64 -22.36
N PRO A 54 -25.65 11.69 -23.04
CA PRO A 54 -27.11 11.54 -22.83
C PRO A 54 -27.45 11.18 -21.40
N THR A 55 -26.64 10.38 -20.73
CA THR A 55 -26.95 9.99 -19.36
C THR A 55 -26.88 11.20 -18.42
N ILE A 56 -25.79 11.97 -18.50
CA ILE A 56 -25.65 13.10 -17.59
C ILE A 56 -26.67 14.17 -17.92
N GLU A 57 -26.96 14.39 -19.21
CA GLU A 57 -27.97 15.37 -19.58
C GLU A 57 -29.31 15.06 -18.93
N ALA A 58 -29.78 13.83 -19.08
CA ALA A 58 -31.05 13.46 -18.49
C ALA A 58 -31.02 13.56 -16.98
N TRP A 59 -29.92 13.11 -16.35
CA TRP A 59 -29.83 13.15 -14.90
C TRP A 59 -29.83 14.59 -14.39
N VAL A 60 -29.10 15.48 -15.04
CA VAL A 60 -29.07 16.87 -14.61
C VAL A 60 -30.45 17.51 -14.75
N LYS A 61 -31.12 17.27 -15.89
CA LYS A 61 -32.45 17.84 -16.09
C LYS A 61 -33.42 17.29 -15.06
N LYS A 62 -33.32 16.01 -14.74
CA LYS A 62 -34.20 15.43 -13.73
C LYS A 62 -33.98 16.05 -12.36
N GLN A 63 -32.72 16.34 -12.02
CA GLN A 63 -32.43 16.94 -10.71
C GLN A 63 -32.93 18.38 -10.63
N GLY A 64 -32.72 19.15 -11.68
CA GLY A 64 -33.28 20.49 -11.71
C GLY A 64 -32.74 21.37 -10.61
N ASP A 65 -33.64 21.96 -9.83
CA ASP A 65 -33.28 22.91 -8.80
C ASP A 65 -32.53 22.28 -7.64
N LYS A 66 -32.28 20.97 -7.67
CA LYS A 66 -31.56 20.32 -6.58
C LYS A 66 -30.05 20.45 -6.70
N ILE A 67 -29.54 20.80 -7.89
CA ILE A 67 -28.10 20.81 -8.13
C ILE A 67 -27.70 22.05 -8.91
N ALA A 68 -26.38 22.26 -8.99
CA ALA A 68 -25.77 23.32 -9.80
C ALA A 68 -24.73 22.63 -10.68
N PHE A 69 -25.12 22.26 -11.90
CA PHE A 69 -24.26 21.50 -12.78
C PHE A 69 -23.48 22.42 -13.72
N LYS A 70 -22.20 22.09 -13.90
CA LYS A 70 -21.37 22.78 -14.88
C LYS A 70 -20.36 21.79 -15.43
N ARG A 71 -19.90 22.02 -16.65
CA ARG A 71 -18.84 21.25 -17.26
C ARG A 71 -17.58 22.10 -17.34
N VAL A 72 -16.42 21.44 -17.24
CA VAL A 72 -15.14 22.10 -17.40
C VAL A 72 -14.38 21.32 -18.47
N PRO A 73 -13.99 21.95 -19.58
CA PRO A 73 -13.24 21.22 -20.60
C PRO A 73 -11.83 20.93 -20.12
N VAL A 74 -11.27 19.84 -20.66
CA VAL A 74 -9.94 19.36 -20.28
C VAL A 74 -9.05 19.24 -21.51
N ALA A 75 -7.87 19.84 -21.45
CA ALA A 75 -6.86 19.75 -22.49
C ALA A 75 -5.63 19.08 -21.88
N PHE A 76 -5.55 17.76 -21.99
CA PHE A 76 -4.41 17.02 -21.43
C PHE A 76 -3.12 17.32 -22.16
N ARG A 77 -3.18 17.59 -23.46
N ARG A 77 -3.21 17.57 -23.47
CA ARG A 77 -2.03 18.08 -24.18
CA ARG A 77 -2.10 18.00 -24.31
C ARG A 77 -2.37 19.42 -24.81
C ARG A 77 -2.38 19.43 -24.80
N ASP A 78 -1.32 20.11 -25.26
CA ASP A 78 -1.51 21.40 -25.91
C ASP A 78 -2.38 21.27 -27.16
N ASP A 79 -2.33 20.12 -27.82
CA ASP A 79 -3.05 19.94 -29.07
C ASP A 79 -4.55 20.16 -28.92
N PHE A 80 -5.07 20.03 -27.70
CA PHE A 80 -6.50 20.05 -27.44
C PHE A 80 -6.98 21.32 -26.76
N VAL A 81 -6.08 22.28 -26.52
CA VAL A 81 -6.49 23.58 -26.00
C VAL A 81 -7.56 24.16 -26.90
N PRO A 82 -7.45 24.04 -28.23
CA PRO A 82 -8.54 24.54 -29.10
C PRO A 82 -9.90 23.96 -28.75
N HIS A 83 -9.97 22.75 -28.20
CA HIS A 83 -11.25 22.20 -27.80
C HIS A 83 -11.81 22.92 -26.58
N SER A 84 -10.95 23.30 -25.64
CA SER A 84 -11.40 24.10 -24.51
C SER A 84 -11.85 25.48 -24.97
N LYS A 85 -11.11 26.10 -25.90
CA LYS A 85 -11.54 27.37 -26.47
C LYS A 85 -12.88 27.20 -27.18
N LEU A 86 -13.05 26.10 -27.92
CA LEU A 86 -14.34 25.83 -28.55
C LEU A 86 -15.47 25.78 -27.51
N PHE A 87 -15.26 25.03 -26.43
CA PHE A 87 -16.29 24.92 -25.40
C PHE A 87 -16.73 26.29 -24.90
N TYR A 88 -15.78 27.14 -24.53
CA TYR A 88 -16.11 28.43 -23.97
C TYR A 88 -16.57 29.43 -25.02
N ALA A 89 -16.15 29.22 -26.27
CA ALA A 89 -16.64 30.08 -27.35
C ALA A 89 -18.11 29.78 -27.63
N LEU A 90 -18.48 28.51 -27.72
CA LEU A 90 -19.87 28.15 -27.89
C LEU A 90 -20.72 28.70 -26.76
N ALA A 91 -20.21 28.63 -25.52
CA ALA A 91 -20.93 29.20 -24.39
C ALA A 91 -21.09 30.70 -24.54
N ALA A 92 -20.01 31.39 -24.97
CA ALA A 92 -20.08 32.83 -25.13
C ALA A 92 -21.13 33.22 -26.16
N LEU A 93 -21.28 32.42 -27.22
CA LEU A 93 -22.31 32.66 -28.22
C LEU A 93 -23.70 32.20 -27.77
N GLY A 94 -23.77 31.39 -26.71
CA GLY A 94 -25.06 30.91 -26.24
C GLY A 94 -25.68 29.81 -27.05
N VAL A 95 -24.86 29.02 -27.77
CA VAL A 95 -25.35 27.96 -28.63
C VAL A 95 -24.79 26.60 -28.21
N SER A 96 -24.31 26.49 -26.97
CA SER A 96 -23.69 25.25 -26.52
C SER A 96 -24.66 24.09 -26.58
N GLU A 97 -25.83 24.24 -25.95
CA GLU A 97 -26.78 23.14 -25.89
C GLU A 97 -27.24 22.70 -27.28
N LYS A 98 -27.32 23.64 -28.23
CA LYS A 98 -27.91 23.34 -29.52
C LYS A 98 -26.95 22.57 -30.43
N VAL A 99 -25.72 23.06 -30.57
CA VAL A 99 -24.79 22.53 -31.56
C VAL A 99 -23.82 21.52 -30.99
N THR A 100 -23.73 21.40 -29.66
CA THR A 100 -22.77 20.48 -29.08
C THR A 100 -22.94 19.05 -29.56
N PRO A 101 -24.14 18.49 -29.65
CA PRO A 101 -24.27 17.13 -30.21
C PRO A 101 -23.65 17.00 -31.59
N ALA A 102 -23.79 18.02 -32.44
CA ALA A 102 -23.13 17.99 -33.74
C ALA A 102 -21.62 18.03 -33.58
N VAL A 103 -21.12 18.73 -32.55
CA VAL A 103 -19.68 18.78 -32.32
C VAL A 103 -19.16 17.39 -31.96
N PHE A 104 -19.81 16.74 -31.00
CA PHE A 104 -19.44 15.37 -30.65
C PHE A 104 -19.51 14.46 -31.87
N ASN A 105 -20.60 14.55 -32.64
CA ASN A 105 -20.75 13.70 -33.81
C ASN A 105 -19.64 13.96 -34.81
N ALA A 106 -19.28 15.23 -35.01
CA ALA A 106 -18.21 15.56 -35.95
C ALA A 106 -16.90 14.92 -35.55
N ILE A 107 -16.61 14.89 -34.26
CA ILE A 107 -15.33 14.36 -33.77
C ILE A 107 -15.30 12.85 -33.82
N HIS A 108 -16.38 12.20 -33.40
CA HIS A 108 -16.39 10.77 -33.16
C HIS A 108 -16.94 9.96 -34.33
N LYS A 109 -17.80 10.55 -35.17
CA LYS A 109 -18.45 9.82 -36.24
C LYS A 109 -18.07 10.28 -37.65
N GLU A 110 -17.78 11.56 -37.84
CA GLU A 110 -17.44 12.11 -39.15
C GLU A 110 -15.94 12.28 -39.36
N LYS A 111 -15.13 11.92 -38.38
CA LYS A 111 -13.67 12.00 -38.48
C LYS A 111 -13.21 13.44 -38.71
N ASN A 112 -13.99 14.41 -38.23
CA ASN A 112 -13.60 15.82 -38.22
C ASN A 112 -13.30 16.23 -36.78
N TYR A 113 -12.00 16.30 -36.44
CA TYR A 113 -11.58 16.47 -35.05
C TYR A 113 -11.63 17.92 -34.57
N LEU A 114 -11.95 18.87 -35.44
CA LEU A 114 -12.18 20.26 -35.03
C LEU A 114 -11.05 20.77 -34.13
N LEU A 115 -9.82 20.58 -34.59
CA LEU A 115 -8.65 20.89 -33.78
C LEU A 115 -8.10 22.28 -34.03
N THR A 116 -8.61 22.99 -35.03
CA THR A 116 -8.18 24.35 -35.32
C THR A 116 -9.37 25.29 -35.30
N PRO A 117 -9.16 26.56 -34.95
CA PRO A 117 -10.29 27.51 -34.98
C PRO A 117 -10.96 27.59 -36.34
N GLN A 118 -10.19 27.44 -37.43
CA GLN A 118 -10.77 27.54 -38.76
C GLN A 118 -11.68 26.35 -39.04
N ALA A 119 -11.22 25.14 -38.74
CA ALA A 119 -12.07 23.98 -38.93
C ALA A 119 -13.32 24.06 -38.07
N GLN A 120 -13.18 24.51 -36.83
CA GLN A 120 -14.34 24.72 -35.97
C GLN A 120 -15.29 25.73 -36.59
N ALA A 121 -14.75 26.86 -37.04
CA ALA A 121 -15.59 27.89 -37.63
C ALA A 121 -16.35 27.35 -38.83
N ASP A 122 -15.65 26.63 -39.71
CA ASP A 122 -16.29 26.11 -40.91
C ASP A 122 -17.42 25.15 -40.55
N PHE A 123 -17.15 24.22 -39.63
CA PHE A 123 -18.17 23.26 -39.24
C PHE A 123 -19.35 23.97 -38.60
N LEU A 124 -19.09 24.84 -37.63
CA LEU A 124 -20.18 25.56 -36.97
C LEU A 124 -20.92 26.43 -37.97
N ALA A 125 -20.24 26.87 -39.03
CA ALA A 125 -20.93 27.59 -40.10
C ALA A 125 -21.97 26.68 -40.77
N THR A 126 -21.63 25.39 -40.94
CA THR A 126 -22.60 24.45 -41.47
C THR A 126 -23.74 24.20 -40.49
N GLN A 127 -23.59 24.61 -39.23
CA GLN A 127 -24.62 24.45 -38.21
C GLN A 127 -25.34 25.76 -37.89
N GLY A 128 -25.13 26.81 -38.68
CA GLY A 128 -25.87 28.04 -38.49
C GLY A 128 -25.19 29.09 -37.65
N VAL A 129 -23.93 28.89 -37.28
CA VAL A 129 -23.18 29.84 -36.49
C VAL A 129 -22.34 30.70 -37.42
N ASP A 130 -22.41 32.02 -37.25
CA ASP A 130 -21.63 32.92 -38.09
C ASP A 130 -20.14 32.71 -37.81
N LYS A 131 -19.35 32.55 -38.88
CA LYS A 131 -17.93 32.31 -38.71
C LYS A 131 -17.28 33.47 -37.96
N LYS A 132 -17.60 34.70 -38.35
CA LYS A 132 -16.96 35.86 -37.74
C LYS A 132 -17.24 35.94 -36.26
N LYS A 133 -18.51 35.77 -35.87
CA LYS A 133 -18.85 35.82 -34.45
C LYS A 133 -18.14 34.72 -33.67
N PHE A 134 -18.13 33.50 -34.20
CA PHE A 134 -17.48 32.40 -33.48
C PHE A 134 -15.98 32.67 -33.30
N LEU A 135 -15.32 33.10 -34.38
CA LEU A 135 -13.88 33.35 -34.30
C LEU A 135 -13.58 34.51 -33.36
N ASP A 136 -14.39 35.56 -33.39
CA ASP A 136 -14.24 36.64 -32.43
C ASP A 136 -14.32 36.12 -31.00
N ALA A 137 -15.26 35.19 -30.75
CA ALA A 137 -15.36 34.58 -29.42
C ALA A 137 -14.15 33.70 -29.13
N TYR A 138 -13.72 32.92 -30.13
CA TYR A 138 -12.58 32.02 -29.92
C TYR A 138 -11.34 32.80 -29.50
N ASN A 139 -11.08 33.94 -30.15
CA ASN A 139 -9.91 34.74 -29.87
C ASN A 139 -10.15 35.80 -28.80
N SER A 140 -11.31 35.80 -28.15
CA SER A 140 -11.60 36.81 -27.14
C SER A 140 -10.72 36.62 -25.92
N PHE A 141 -10.41 37.73 -25.25
CA PHE A 141 -9.64 37.65 -24.01
C PHE A 141 -10.43 36.91 -22.93
N SER A 142 -11.76 37.03 -22.95
CA SER A 142 -12.57 36.36 -21.94
C SER A 142 -12.49 34.85 -22.09
N VAL A 143 -12.56 34.35 -23.33
CA VAL A 143 -12.41 32.92 -23.55
C VAL A 143 -11.01 32.47 -23.18
N GLN A 144 -10.01 33.28 -23.50
CA GLN A 144 -8.63 32.95 -23.12
C GLN A 144 -8.53 32.78 -21.60
N GLY A 145 -9.08 33.74 -20.86
CA GLY A 145 -9.08 33.62 -19.42
C GLY A 145 -9.82 32.40 -18.91
N GLN A 146 -10.95 32.07 -19.55
CA GLN A 146 -11.71 30.90 -19.12
C GLN A 146 -10.92 29.62 -19.37
N VAL A 147 -10.19 29.55 -20.48
CA VAL A 147 -9.39 28.37 -20.75
C VAL A 147 -8.27 28.24 -19.73
N LYS A 148 -7.55 29.33 -19.47
CA LYS A 148 -6.51 29.30 -18.45
C LYS A 148 -7.09 28.89 -17.10
N GLN A 149 -8.28 29.39 -16.78
CA GLN A 149 -8.92 29.02 -15.53
C GLN A 149 -9.25 27.53 -15.50
N SER A 150 -9.72 27.00 -16.63
CA SER A 150 -10.07 25.58 -16.68
C SER A 150 -8.83 24.71 -16.44
N ALA A 151 -7.67 25.14 -16.91
CA ALA A 151 -6.44 24.43 -16.60
C ALA A 151 -6.12 24.51 -15.11
N GLU A 152 -6.27 25.70 -14.52
CA GLU A 152 -6.06 25.83 -13.08
C GLU A 152 -6.98 24.89 -12.31
N LEU A 153 -8.24 24.76 -12.74
CA LEU A 153 -9.17 23.89 -12.04
C LEU A 153 -8.78 22.43 -12.19
N LEU A 154 -8.37 22.02 -13.39
CA LEU A 154 -7.83 20.67 -13.57
C LEU A 154 -6.80 20.37 -12.50
N LYS A 155 -5.93 21.35 -12.21
CA LYS A 155 -4.92 21.17 -11.17
C LYS A 155 -5.53 21.18 -9.78
N ASN A 156 -6.46 22.11 -9.51
CA ASN A 156 -7.00 22.23 -8.16
C ASN A 156 -7.74 20.96 -7.74
N TYR A 157 -8.53 20.39 -8.64
CA TYR A 157 -9.27 19.16 -8.34
C TYR A 157 -8.44 17.91 -8.57
N ASN A 158 -7.19 18.06 -9.01
N ASN A 158 -7.19 18.06 -9.01
CA ASN A 158 -6.31 16.93 -9.26
CA ASN A 158 -6.31 16.92 -9.25
C ASN A 158 -6.97 15.92 -10.19
C ASN A 158 -6.95 15.92 -10.21
N ILE A 159 -7.50 16.44 -11.29
CA ILE A 159 -8.15 15.61 -12.30
C ILE A 159 -7.08 15.06 -13.23
N ASP A 160 -7.03 13.74 -13.38
CA ASP A 160 -6.10 13.08 -14.29
C ASP A 160 -6.81 12.27 -15.38
N GLY A 161 -8.14 12.26 -15.40
CA GLY A 161 -8.86 11.53 -16.42
C GLY A 161 -10.25 12.10 -16.61
N VAL A 162 -10.86 11.71 -17.73
CA VAL A 162 -12.21 12.17 -18.08
C VAL A 162 -13.02 11.01 -18.60
N PRO A 163 -14.35 11.06 -18.39
CA PRO A 163 -15.08 12.09 -17.64
C PRO A 163 -14.90 11.93 -16.13
N THR A 164 -14.79 13.04 -15.41
CA THR A 164 -14.68 13.00 -13.96
C THR A 164 -15.76 13.87 -13.36
N ILE A 165 -16.55 13.30 -12.46
CA ILE A 165 -17.65 14.01 -11.81
C ILE A 165 -17.20 14.37 -10.40
N VAL A 166 -17.37 15.64 -10.04
CA VAL A 166 -17.03 16.13 -8.70
C VAL A 166 -18.31 16.65 -8.05
N VAL A 167 -18.57 16.20 -6.83
CA VAL A 167 -19.78 16.56 -6.11
C VAL A 167 -19.40 17.45 -4.93
N GLN A 168 -20.04 18.61 -4.85
CA GLN A 168 -19.87 19.54 -3.73
C GLN A 168 -18.40 19.83 -3.48
N GLY A 169 -17.62 19.89 -4.56
CA GLY A 169 -16.20 20.17 -4.46
C GLY A 169 -15.45 19.29 -3.49
N LYS A 170 -15.93 18.05 -3.28
CA LYS A 170 -15.30 17.17 -2.29
C LYS A 170 -15.22 15.71 -2.70
N TYR A 171 -16.11 15.20 -3.53
CA TYR A 171 -16.15 13.78 -3.87
C TYR A 171 -16.06 13.62 -5.37
N LYS A 172 -15.07 12.87 -5.82
CA LYS A 172 -14.84 12.61 -7.23
C LYS A 172 -15.22 11.18 -7.58
N THR A 173 -15.79 11.00 -8.76
CA THR A 173 -16.11 9.68 -9.27
C THR A 173 -16.05 9.73 -10.79
N GLY A 174 -16.22 8.58 -11.42
CA GLY A 174 -16.14 8.47 -12.86
C GLY A 174 -15.83 7.06 -13.28
N PRO A 175 -15.82 6.81 -14.59
CA PRO A 175 -15.52 5.46 -15.07
C PRO A 175 -14.17 4.95 -14.61
N ALA A 176 -13.21 5.84 -14.38
CA ALA A 176 -11.93 5.40 -13.82
C ALA A 176 -12.13 4.73 -12.46
N TYR A 177 -13.13 5.17 -11.70
CA TYR A 177 -13.43 4.56 -10.40
C TYR A 177 -14.46 3.44 -10.51
N THR A 178 -15.49 3.62 -11.32
CA THR A 178 -16.62 2.71 -11.38
C THR A 178 -16.58 1.73 -12.54
N ASN A 179 -15.65 1.90 -13.48
CA ASN A 179 -15.45 1.01 -14.62
C ASN A 179 -16.66 0.90 -15.53
N SER A 180 -17.71 1.69 -15.30
CA SER A 180 -18.86 1.71 -16.18
C SER A 180 -19.55 3.07 -16.04
N LEU A 181 -20.02 3.62 -17.16
CA LEU A 181 -20.68 4.91 -17.11
C LEU A 181 -21.94 4.84 -16.25
N GLU A 182 -22.70 3.74 -16.37
CA GLU A 182 -23.85 3.57 -15.48
C GLU A 182 -23.42 3.59 -14.03
N GLY A 183 -22.31 2.92 -13.70
CA GLY A 183 -21.80 2.98 -12.35
C GLY A 183 -21.48 4.40 -11.91
N THR A 184 -20.91 5.20 -12.82
CA THR A 184 -20.65 6.60 -12.50
C THR A 184 -21.96 7.32 -12.19
N ALA A 185 -22.99 7.10 -13.00
CA ALA A 185 -24.28 7.74 -12.75
C ALA A 185 -24.85 7.33 -11.40
N GLN A 186 -24.83 6.03 -11.09
CA GLN A 186 -25.39 5.56 -9.83
C GLN A 186 -24.62 6.13 -8.65
N VAL A 187 -23.29 6.19 -8.76
CA VAL A 187 -22.50 6.77 -7.68
C VAL A 187 -22.79 8.26 -7.54
N LEU A 188 -22.90 8.96 -8.67
CA LEU A 188 -23.20 10.38 -8.62
C LEU A 188 -24.54 10.63 -7.93
N ASP A 189 -25.58 9.92 -8.36
CA ASP A 189 -26.89 10.07 -7.72
C ASP A 189 -26.78 9.81 -6.23
N PHE A 190 -26.04 8.77 -5.84
CA PHE A 190 -25.85 8.47 -4.43
C PHE A 190 -25.15 9.62 -3.72
N LEU A 191 -24.06 10.12 -4.30
CA LEU A 191 -23.29 11.17 -3.65
C LEU A 191 -24.16 12.42 -3.45
N VAL A 192 -24.90 12.81 -4.48
CA VAL A 192 -25.75 14.00 -4.36
C VAL A 192 -26.75 13.81 -3.23
N LYS A 193 -27.42 12.65 -3.22
CA LYS A 193 -28.43 12.42 -2.19
C LYS A 193 -27.81 12.38 -0.79
N GLN A 194 -26.59 11.83 -0.68
CA GLN A 194 -25.91 11.83 0.61
C GLN A 194 -25.61 13.25 1.07
N VAL A 195 -25.17 14.11 0.15
CA VAL A 195 -24.91 15.50 0.52
C VAL A 195 -26.20 16.19 0.92
N GLN A 196 -27.30 15.91 0.20
CA GLN A 196 -28.58 16.52 0.54
C GLN A 196 -29.03 16.12 1.93
N ASP A 197 -28.88 14.84 2.29
CA ASP A 197 -29.20 14.36 3.63
C ASP A 197 -28.14 14.74 4.66
N LYS A 198 -27.15 15.53 4.29
CA LYS A 198 -26.08 15.95 5.19
C LYS A 198 -25.31 14.78 5.78
N LYS A 199 -25.35 13.62 5.13
CA LYS A 199 -24.51 12.49 5.53
C LYS A 199 -23.13 12.52 4.89
N LEU A 200 -22.92 13.41 3.91
CA LEU A 200 -21.60 13.60 3.31
C LEU A 200 -21.39 15.07 2.95
N ALA B 13 2.86 -7.11 -1.91
CA ALA B 13 2.66 -7.88 -3.13
C ALA B 13 1.40 -7.42 -3.86
N PRO B 14 1.37 -7.54 -5.19
CA PRO B 14 0.16 -7.18 -5.91
C PRO B 14 -1.00 -8.06 -5.53
N VAL B 15 -2.20 -7.51 -5.64
CA VAL B 15 -3.42 -8.19 -5.23
C VAL B 15 -4.19 -8.61 -6.47
N ALA B 16 -4.85 -9.76 -6.38
CA ALA B 16 -5.68 -10.25 -7.48
C ALA B 16 -7.06 -9.59 -7.41
N GLY B 17 -7.45 -8.92 -8.50
CA GLY B 17 -8.72 -8.23 -8.60
C GLY B 17 -8.61 -6.72 -8.61
N LYS B 18 -7.62 -6.17 -7.91
CA LYS B 18 -7.34 -4.74 -7.88
C LYS B 18 -6.14 -4.36 -8.73
N ASP B 19 -4.99 -4.99 -8.48
CA ASP B 19 -3.76 -4.67 -9.21
C ASP B 19 -3.62 -5.43 -10.52
N PHE B 20 -4.31 -6.56 -10.68
CA PHE B 20 -4.34 -7.30 -11.94
C PHE B 20 -5.60 -8.15 -11.95
N GLU B 21 -5.99 -8.55 -13.14
CA GLU B 21 -7.22 -9.33 -13.34
C GLU B 21 -6.86 -10.73 -13.81
N VAL B 22 -7.49 -11.73 -13.20
CA VAL B 22 -7.34 -13.13 -13.62
C VAL B 22 -8.43 -13.40 -14.65
N MET B 23 -8.03 -13.58 -15.90
CA MET B 23 -9.00 -13.70 -16.98
C MET B 23 -9.84 -14.96 -16.78
N LYS B 24 -11.16 -14.79 -16.84
CA LYS B 24 -12.06 -15.93 -16.71
C LYS B 24 -11.83 -16.94 -17.83
N SER B 25 -11.37 -16.49 -18.99
CA SER B 25 -11.08 -17.35 -20.12
C SER B 25 -9.66 -17.09 -20.58
N PRO B 26 -8.69 -17.78 -19.98
CA PRO B 26 -7.29 -17.62 -20.42
C PRO B 26 -7.12 -18.02 -21.88
N GLN B 27 -6.13 -17.42 -22.53
CA GLN B 27 -5.89 -17.59 -23.96
C GLN B 27 -4.66 -18.45 -24.23
N PRO B 28 -4.57 -19.05 -25.42
CA PRO B 28 -3.40 -19.87 -25.74
C PRO B 28 -2.13 -19.03 -25.73
N VAL B 29 -1.08 -19.55 -25.10
CA VAL B 29 0.19 -18.85 -25.03
C VAL B 29 1.06 -19.33 -26.18
N SER B 30 1.65 -18.37 -26.90
CA SER B 30 2.52 -18.68 -28.02
C SER B 30 3.96 -18.92 -27.59
N ALA B 31 4.35 -18.46 -26.41
CA ALA B 31 5.72 -18.65 -25.96
C ALA B 31 5.99 -20.13 -25.71
N PRO B 32 7.23 -20.57 -25.89
CA PRO B 32 7.59 -21.95 -25.59
C PRO B 32 7.73 -22.16 -24.09
N ALA B 33 8.03 -23.40 -23.72
CA ALA B 33 8.28 -23.72 -22.32
C ALA B 33 9.58 -23.05 -21.88
N GLY B 34 9.61 -22.59 -20.64
CA GLY B 34 10.75 -21.86 -20.12
C GLY B 34 10.67 -20.36 -20.30
N LYS B 35 9.71 -19.87 -21.08
CA LYS B 35 9.51 -18.44 -21.28
C LYS B 35 8.09 -18.07 -20.86
N VAL B 36 7.96 -16.87 -20.30
CA VAL B 36 6.67 -16.31 -19.93
C VAL B 36 6.22 -15.38 -21.04
N GLU B 37 5.00 -15.58 -21.52
CA GLU B 37 4.47 -14.73 -22.58
C GLU B 37 4.02 -13.40 -21.99
N VAL B 38 4.42 -12.30 -22.63
CA VAL B 38 4.02 -10.96 -22.23
C VAL B 38 3.52 -10.25 -23.47
N ILE B 39 2.28 -9.78 -23.43
CA ILE B 39 1.64 -9.09 -24.55
C ILE B 39 1.23 -7.69 -24.08
N GLU B 40 1.65 -6.67 -24.83
CA GLU B 40 1.24 -5.30 -24.55
C GLU B 40 0.25 -4.88 -25.64
N PHE B 41 -1.02 -4.79 -25.26
CA PHE B 41 -2.00 -4.11 -26.09
C PHE B 41 -1.77 -2.61 -25.95
N PHE B 42 -1.53 -1.92 -27.07
CA PHE B 42 -1.21 -0.50 -27.03
C PHE B 42 -1.83 0.19 -28.23
N TRP B 43 -1.76 1.52 -28.21
CA TRP B 43 -2.21 2.36 -29.31
C TRP B 43 -1.24 3.53 -29.43
N TYR B 44 -0.74 3.76 -30.65
CA TYR B 44 0.22 4.83 -30.87
C TYR B 44 -0.26 6.16 -30.29
N GLY B 45 -1.56 6.41 -30.36
CA GLY B 45 -2.10 7.68 -29.94
C GLY B 45 -2.41 7.81 -28.47
N CYS B 46 -2.18 6.75 -27.69
N CYS B 46 -2.22 6.75 -27.70
CA CYS B 46 -2.47 6.77 -26.27
CA CYS B 46 -2.50 6.80 -26.27
C CYS B 46 -1.29 7.35 -25.50
C CYS B 46 -1.30 7.38 -25.54
N PRO B 47 -1.46 8.48 -24.80
CA PRO B 47 -0.29 9.06 -24.11
C PRO B 47 0.36 8.14 -23.10
N HIS B 48 -0.43 7.35 -22.36
CA HIS B 48 0.17 6.44 -21.40
C HIS B 48 1.04 5.40 -22.09
N CYS B 49 0.64 4.95 -23.27
N CYS B 49 0.63 4.94 -23.28
CA CYS B 49 1.47 4.02 -24.05
CA CYS B 49 1.47 4.02 -24.04
C CYS B 49 2.77 4.69 -24.49
C CYS B 49 2.76 4.69 -24.48
N TYR B 50 2.68 5.95 -24.93
CA TYR B 50 3.88 6.68 -25.33
C TYR B 50 4.81 6.89 -24.12
N GLU B 51 4.26 7.25 -22.96
CA GLU B 51 5.08 7.43 -21.77
C GLU B 51 5.63 6.11 -21.26
N PHE B 52 4.90 5.02 -21.47
CA PHE B 52 5.31 3.73 -20.96
C PHE B 52 6.39 3.08 -21.81
N GLU B 53 6.50 3.47 -23.10
CA GLU B 53 7.44 2.85 -24.02
C GLU B 53 8.83 2.67 -23.44
N PRO B 54 9.50 3.69 -22.88
CA PRO B 54 10.85 3.46 -22.33
C PRO B 54 10.86 2.45 -21.20
N THR B 55 9.82 2.45 -20.35
CA THR B 55 9.81 1.55 -19.21
C THR B 55 9.72 0.10 -19.67
N ILE B 56 8.75 -0.19 -20.55
CA ILE B 56 8.56 -1.57 -21.00
C ILE B 56 9.74 -2.01 -21.85
N GLU B 57 10.26 -1.11 -22.68
CA GLU B 57 11.40 -1.46 -23.53
C GLU B 57 12.59 -1.93 -22.70
N ALA B 58 12.97 -1.13 -21.70
CA ALA B 58 14.07 -1.52 -20.82
C ALA B 58 13.77 -2.81 -20.07
N TRP B 59 12.54 -2.94 -19.57
CA TRP B 59 12.20 -4.14 -18.82
C TRP B 59 12.23 -5.39 -19.71
N VAL B 60 11.68 -5.28 -20.93
CA VAL B 60 11.70 -6.42 -21.84
C VAL B 60 13.13 -6.81 -22.17
N LYS B 61 13.98 -5.83 -22.46
CA LYS B 61 15.38 -6.11 -22.76
C LYS B 61 16.07 -6.75 -21.56
N LYS B 62 15.76 -6.27 -20.36
CA LYS B 62 16.35 -6.84 -19.14
C LYS B 62 15.93 -8.29 -18.96
N GLN B 63 14.67 -8.62 -19.27
CA GLN B 63 14.22 -9.99 -19.16
C GLN B 63 14.87 -10.88 -20.22
N GLY B 64 14.95 -10.37 -21.45
CA GLY B 64 15.64 -11.11 -22.50
C GLY B 64 14.99 -12.43 -22.79
N ASP B 65 15.78 -13.50 -22.77
CA ASP B 65 15.30 -14.83 -23.13
C ASP B 65 14.34 -15.42 -22.11
N LYS B 66 14.03 -14.71 -21.02
CA LYS B 66 13.13 -15.25 -20.01
C LYS B 66 11.67 -15.10 -20.39
N ILE B 67 11.37 -14.26 -21.39
CA ILE B 67 9.99 -13.96 -21.77
C ILE B 67 9.88 -13.98 -23.29
N ALA B 68 8.63 -13.91 -23.76
CA ALA B 68 8.29 -13.79 -25.17
C ALA B 68 7.38 -12.57 -25.28
N PHE B 69 7.97 -11.41 -25.55
CA PHE B 69 7.23 -10.17 -25.58
C PHE B 69 6.74 -9.83 -26.98
N LYS B 70 5.51 -9.36 -27.07
CA LYS B 70 4.95 -8.86 -28.32
C LYS B 70 3.96 -7.75 -28.02
N ARG B 71 3.80 -6.85 -28.98
CA ARG B 71 2.81 -5.79 -28.91
C ARG B 71 1.70 -6.09 -29.90
N VAL B 72 0.48 -5.66 -29.55
CA VAL B 72 -0.68 -5.78 -30.41
C VAL B 72 -1.29 -4.39 -30.53
N PRO B 73 -1.41 -3.83 -31.72
CA PRO B 73 -2.00 -2.49 -31.83
C PRO B 73 -3.49 -2.55 -31.53
N VAL B 74 -4.03 -1.43 -31.05
CA VAL B 74 -5.44 -1.34 -30.67
C VAL B 74 -6.06 -0.16 -31.41
N ALA B 75 -7.14 -0.43 -32.12
CA ALA B 75 -7.92 0.59 -32.83
C ALA B 75 -9.32 0.55 -32.22
N PHE B 76 -9.55 1.39 -31.20
CA PHE B 76 -10.86 1.41 -30.55
C PHE B 76 -11.94 1.94 -31.47
N ARG B 77 -11.57 2.84 -32.39
N ARG B 77 -11.58 2.80 -32.42
CA ARG B 77 -12.47 3.35 -33.42
CA ARG B 77 -12.53 3.29 -33.41
C ARG B 77 -11.97 2.94 -34.79
C ARG B 77 -11.96 3.04 -34.79
N ASP B 78 -12.87 2.97 -35.77
CA ASP B 78 -12.45 2.85 -37.17
C ASP B 78 -11.39 3.89 -37.54
N ASP B 79 -11.45 5.08 -36.92
CA ASP B 79 -10.54 6.14 -37.28
C ASP B 79 -9.08 5.76 -37.06
N PHE B 80 -8.81 4.79 -36.20
CA PHE B 80 -7.46 4.45 -35.79
C PHE B 80 -6.97 3.12 -36.36
N VAL B 81 -7.77 2.46 -37.18
CA VAL B 81 -7.33 1.25 -37.88
C VAL B 81 -6.04 1.54 -38.64
N PRO B 82 -5.91 2.71 -39.30
CA PRO B 82 -4.64 3.01 -39.97
C PRO B 82 -3.43 2.91 -39.07
N HIS B 83 -3.60 3.15 -37.76
CA HIS B 83 -2.48 3.00 -36.85
C HIS B 83 -2.11 1.53 -36.66
N SER B 84 -3.12 0.64 -36.62
CA SER B 84 -2.83 -0.78 -36.57
C SER B 84 -2.15 -1.24 -37.85
N LYS B 85 -2.62 -0.75 -39.00
CA LYS B 85 -1.95 -1.06 -40.26
C LYS B 85 -0.53 -0.53 -40.27
N LEU B 86 -0.32 0.68 -39.74
CA LEU B 86 1.03 1.22 -39.64
C LEU B 86 1.92 0.28 -38.83
N PHE B 87 1.45 -0.14 -37.66
CA PHE B 87 2.22 -1.04 -36.80
C PHE B 87 2.68 -2.28 -37.56
N TYR B 88 1.73 -2.97 -38.21
CA TYR B 88 2.08 -4.22 -38.88
C TYR B 88 2.84 -3.98 -40.17
N ALA B 89 2.65 -2.82 -40.80
CA ALA B 89 3.41 -2.50 -42.00
C ALA B 89 4.87 -2.22 -41.65
N LEU B 90 5.11 -1.45 -40.59
CA LEU B 90 6.48 -1.24 -40.14
C LEU B 90 7.16 -2.56 -39.79
N ALA B 91 6.41 -3.46 -39.14
CA ALA B 91 6.96 -4.78 -38.86
C ALA B 91 7.26 -5.53 -40.15
N ALA B 92 6.36 -5.45 -41.13
CA ALA B 92 6.59 -6.14 -42.39
C ALA B 92 7.84 -5.62 -43.08
N LEU B 93 8.12 -4.32 -42.95
CA LEU B 93 9.34 -3.75 -43.49
C LEU B 93 10.55 -4.01 -42.60
N GLY B 94 10.33 -4.41 -41.35
CA GLY B 94 11.43 -4.67 -40.44
C GLY B 94 12.09 -3.43 -39.88
N VAL B 95 11.36 -2.33 -39.77
CA VAL B 95 11.90 -1.06 -39.30
C VAL B 95 11.15 -0.55 -38.07
N SER B 96 10.42 -1.44 -37.38
CA SER B 96 9.61 -0.99 -36.25
C SER B 96 10.48 -0.39 -35.16
N GLU B 97 11.47 -1.14 -34.69
CA GLU B 97 12.33 -0.65 -33.63
C GLU B 97 13.01 0.65 -33.97
N LYS B 98 13.31 0.85 -35.25
CA LYS B 98 14.11 2.01 -35.65
C LYS B 98 13.29 3.29 -35.68
N VAL B 99 12.12 3.26 -36.34
CA VAL B 99 11.35 4.47 -36.60
C VAL B 99 10.22 4.71 -35.60
N THR B 100 9.87 3.71 -34.80
CA THR B 100 8.75 3.87 -33.88
C THR B 100 8.92 5.06 -32.94
N PRO B 101 10.09 5.30 -32.34
CA PRO B 101 10.23 6.50 -31.50
C PRO B 101 9.87 7.79 -32.24
N ALA B 102 10.26 7.90 -33.51
CA ALA B 102 9.86 9.05 -34.31
C ALA B 102 8.36 9.05 -34.56
N VAL B 103 7.76 7.86 -34.70
CA VAL B 103 6.31 7.78 -34.89
C VAL B 103 5.58 8.32 -33.67
N PHE B 104 5.94 7.83 -32.48
CA PHE B 104 5.35 8.35 -31.26
C PHE B 104 5.57 9.85 -31.16
N ASN B 105 6.79 10.31 -31.45
CA ASN B 105 7.09 11.74 -31.36
C ASN B 105 6.24 12.55 -32.33
N ALA B 106 6.04 12.04 -33.54
CA ALA B 106 5.21 12.74 -34.51
C ALA B 106 3.80 12.91 -34.00
N ILE B 107 3.25 11.89 -33.34
CA ILE B 107 1.86 11.92 -32.92
C ILE B 107 1.68 12.83 -31.70
N HIS B 108 2.56 12.72 -30.73
CA HIS B 108 2.35 13.36 -29.44
C HIS B 108 3.03 14.71 -29.30
N LYS B 109 4.10 14.97 -30.05
CA LYS B 109 4.85 16.22 -29.92
C LYS B 109 4.84 17.09 -31.17
N GLU B 110 4.71 16.51 -32.36
CA GLU B 110 4.71 17.28 -33.60
C GLU B 110 3.32 17.54 -34.16
N LYS B 111 2.27 17.04 -33.52
CA LYS B 111 0.90 17.25 -33.95
C LYS B 111 0.66 16.66 -35.34
N ASN B 112 1.42 15.63 -35.71
CA ASN B 112 1.21 14.88 -36.93
C ASN B 112 0.68 13.50 -36.52
N TYR B 113 -0.64 13.32 -36.61
CA TYR B 113 -1.30 12.15 -36.03
C TYR B 113 -1.23 10.90 -36.90
N LEU B 114 -0.65 10.99 -38.10
CA LEU B 114 -0.40 9.82 -38.94
C LEU B 114 -1.64 8.94 -39.10
N LEU B 115 -2.74 9.57 -39.49
CA LEU B 115 -4.03 8.90 -39.56
C LEU B 115 -4.36 8.33 -40.94
N THR B 116 -3.58 8.67 -41.96
CA THR B 116 -3.81 8.17 -43.31
C THR B 116 -2.54 7.51 -43.84
N PRO B 117 -2.68 6.53 -44.73
CA PRO B 117 -1.48 5.89 -45.30
C PRO B 117 -0.55 6.87 -46.00
N GLN B 118 -1.09 7.91 -46.65
CA GLN B 118 -0.24 8.86 -47.34
C GLN B 118 0.55 9.71 -46.34
N ALA B 119 -0.12 10.18 -45.28
CA ALA B 119 0.59 10.93 -44.26
C ALA B 119 1.67 10.07 -43.60
N GLN B 120 1.36 8.82 -43.30
CA GLN B 120 2.36 7.90 -42.78
C GLN B 120 3.51 7.73 -43.77
N ALA B 121 3.18 7.52 -45.04
CA ALA B 121 4.22 7.35 -46.05
C ALA B 121 5.12 8.57 -46.13
N ASP B 122 4.53 9.77 -46.15
CA ASP B 122 5.33 10.98 -46.28
C ASP B 122 6.24 11.16 -45.07
N PHE B 123 5.71 10.96 -43.87
CA PHE B 123 6.54 11.09 -42.67
C PHE B 123 7.67 10.06 -42.68
N LEU B 124 7.32 8.78 -42.91
CA LEU B 124 8.33 7.74 -42.93
C LEU B 124 9.34 7.97 -44.03
N ALA B 125 8.95 8.65 -45.11
CA ALA B 125 9.90 9.03 -46.12
C ALA B 125 10.95 9.97 -45.53
N THR B 126 10.53 10.85 -44.61
CA THR B 126 11.47 11.71 -43.92
C THR B 126 12.36 10.93 -42.96
N GLN B 127 12.00 9.68 -42.67
CA GLN B 127 12.77 8.82 -41.78
C GLN B 127 13.55 7.75 -42.53
N GLY B 128 13.60 7.83 -43.86
CA GLY B 128 14.41 6.91 -44.64
C GLY B 128 13.70 5.69 -45.17
N VAL B 129 12.38 5.61 -45.01
CA VAL B 129 11.59 4.48 -45.49
C VAL B 129 11.02 4.84 -46.85
N ASP B 130 11.18 3.94 -47.82
CA ASP B 130 10.67 4.20 -49.16
C ASP B 130 9.15 4.27 -49.15
N LYS B 131 8.61 5.31 -49.78
CA LYS B 131 7.16 5.49 -49.82
C LYS B 131 6.49 4.28 -50.46
N LYS B 132 7.00 3.82 -51.60
CA LYS B 132 6.36 2.72 -52.32
C LYS B 132 6.35 1.46 -51.49
N LYS B 133 7.48 1.11 -50.88
CA LYS B 133 7.54 -0.10 -50.08
C LYS B 133 6.56 -0.05 -48.91
N PHE B 134 6.49 1.10 -48.21
CA PHE B 134 5.60 1.18 -47.06
C PHE B 134 4.14 1.02 -47.49
N LEU B 135 3.75 1.72 -48.56
CA LEU B 135 2.37 1.64 -49.02
C LEU B 135 2.03 0.24 -49.50
N ASP B 136 2.97 -0.41 -50.20
CA ASP B 136 2.75 -1.81 -50.58
C ASP B 136 2.51 -2.68 -49.35
N ALA B 137 3.30 -2.49 -48.30
CA ALA B 137 3.07 -3.24 -47.07
C ALA B 137 1.74 -2.85 -46.44
N TYR B 138 1.44 -1.55 -46.42
CA TYR B 138 0.21 -1.07 -45.79
C TYR B 138 -1.02 -1.70 -46.43
N ASN B 139 -1.07 -1.75 -47.77
CA ASN B 139 -2.21 -2.30 -48.48
C ASN B 139 -2.08 -3.80 -48.73
N SER B 140 -1.08 -4.46 -48.16
CA SER B 140 -0.89 -5.89 -48.37
C SER B 140 -2.01 -6.69 -47.72
N PHE B 141 -2.30 -7.85 -48.31
CA PHE B 141 -3.29 -8.74 -47.73
C PHE B 141 -2.82 -9.29 -46.40
N SER B 142 -1.50 -9.48 -46.24
CA SER B 142 -0.96 -10.02 -44.99
C SER B 142 -1.14 -9.04 -43.84
N VAL B 143 -0.85 -7.75 -44.07
CA VAL B 143 -1.07 -6.75 -43.01
C VAL B 143 -2.55 -6.64 -42.70
N GLN B 144 -3.40 -6.66 -43.72
CA GLN B 144 -4.83 -6.61 -43.49
C GLN B 144 -5.29 -7.78 -42.63
N GLY B 145 -4.82 -8.99 -42.96
CA GLY B 145 -5.13 -10.13 -42.12
C GLY B 145 -4.64 -9.96 -40.69
N GLN B 146 -3.45 -9.38 -40.52
CA GLN B 146 -2.93 -9.15 -39.18
C GLN B 146 -3.78 -8.12 -38.43
N VAL B 147 -4.28 -7.10 -39.13
CA VAL B 147 -5.11 -6.10 -38.45
C VAL B 147 -6.41 -6.73 -37.99
N LYS B 148 -7.08 -7.47 -38.87
CA LYS B 148 -8.29 -8.17 -38.47
C LYS B 148 -8.03 -9.09 -37.28
N GLN B 149 -6.87 -9.78 -37.30
CA GLN B 149 -6.53 -10.66 -36.19
C GLN B 149 -6.35 -9.88 -34.91
N SER B 150 -5.71 -8.70 -34.99
CA SER B 150 -5.50 -7.89 -33.81
C SER B 150 -6.83 -7.46 -33.19
N ALA B 151 -7.84 -7.22 -34.03
CA ALA B 151 -9.18 -6.93 -33.51
C ALA B 151 -9.77 -8.15 -32.83
N GLU B 152 -9.65 -9.32 -33.45
CA GLU B 152 -10.12 -10.55 -32.83
C GLU B 152 -9.49 -10.75 -31.47
N LEU B 153 -8.19 -10.46 -31.35
CA LEU B 153 -7.49 -10.63 -30.08
C LEU B 153 -7.99 -9.61 -29.05
N LEU B 154 -8.19 -8.36 -29.46
CA LEU B 154 -8.82 -7.39 -28.58
C LEU B 154 -10.06 -7.96 -27.94
N LYS B 155 -10.88 -8.67 -28.72
CA LYS B 155 -12.08 -9.30 -28.18
C LYS B 155 -11.74 -10.51 -27.32
N ASN B 156 -10.80 -11.35 -27.76
CA ASN B 156 -10.52 -12.57 -27.02
C ASN B 156 -10.00 -12.26 -25.62
N TYR B 157 -9.12 -11.27 -25.50
CA TYR B 157 -8.55 -10.88 -24.21
C TYR B 157 -9.42 -9.91 -23.43
N ASN B 158 -10.59 -9.55 -23.94
CA ASN B 158 -11.48 -8.60 -23.27
C ASN B 158 -10.73 -7.32 -22.89
N ILE B 159 -10.01 -6.77 -23.86
CA ILE B 159 -9.26 -5.54 -23.65
C ILE B 159 -10.21 -4.36 -23.86
N ASP B 160 -10.31 -3.49 -22.84
CA ASP B 160 -11.10 -2.28 -22.92
C ASP B 160 -10.27 -1.01 -22.72
N GLY B 161 -8.96 -1.14 -22.52
CA GLY B 161 -8.11 0.02 -22.34
C GLY B 161 -6.67 -0.28 -22.70
N VAL B 162 -5.88 0.78 -22.87
CA VAL B 162 -4.46 0.65 -23.20
C VAL B 162 -3.66 1.64 -22.38
N PRO B 163 -2.41 1.28 -22.05
CA PRO B 163 -1.78 -0.02 -22.34
C PRO B 163 -2.30 -1.10 -21.40
N THR B 164 -2.47 -2.31 -21.93
CA THR B 164 -2.86 -3.45 -21.11
C THR B 164 -1.83 -4.54 -21.32
N ILE B 165 -1.25 -5.02 -20.23
CA ILE B 165 -0.23 -6.06 -20.26
C ILE B 165 -0.89 -7.37 -19.85
N VAL B 166 -0.67 -8.41 -20.64
CA VAL B 166 -1.21 -9.75 -20.38
C VAL B 166 -0.04 -10.70 -20.18
N VAL B 167 -0.08 -11.46 -19.08
CA VAL B 167 0.99 -12.37 -18.72
C VAL B 167 0.49 -13.79 -18.87
N GLN B 168 1.23 -14.60 -19.65
CA GLN B 168 0.92 -16.01 -19.85
C GLN B 168 -0.53 -16.21 -20.27
N GLY B 169 -1.07 -15.25 -21.04
CA GLY B 169 -2.44 -15.32 -21.51
C GLY B 169 -3.47 -15.55 -20.42
N LYS B 170 -3.16 -15.12 -19.19
CA LYS B 170 -4.02 -15.40 -18.05
C LYS B 170 -4.19 -14.23 -17.08
N TYR B 171 -3.24 -13.32 -16.97
CA TYR B 171 -3.30 -12.24 -16.00
C TYR B 171 -3.12 -10.91 -16.71
N LYS B 172 -4.06 -10.01 -16.53
CA LYS B 172 -4.02 -8.68 -17.12
C LYS B 172 -3.70 -7.63 -16.07
N THR B 173 -2.93 -6.63 -16.46
CA THR B 173 -2.65 -5.49 -15.61
C THR B 173 -2.43 -4.28 -16.50
N GLY B 174 -2.25 -3.12 -15.87
CA GLY B 174 -2.08 -1.88 -16.57
C GLY B 174 -2.44 -0.71 -15.67
N PRO B 175 -2.24 0.52 -16.17
CA PRO B 175 -2.57 1.68 -15.34
C PRO B 175 -4.02 1.72 -14.91
N ALA B 176 -4.92 1.12 -15.70
CA ALA B 176 -6.31 1.04 -15.29
C ALA B 176 -6.45 0.28 -13.98
N TYR B 177 -5.59 -0.70 -13.73
CA TYR B 177 -5.62 -1.47 -12.51
C TYR B 177 -4.74 -0.86 -11.43
N THR B 178 -3.54 -0.41 -11.80
CA THR B 178 -2.51 0.00 -10.86
C THR B 178 -2.43 1.51 -10.62
N ASN B 179 -3.08 2.31 -11.46
N ASN B 179 -3.08 2.31 -11.46
CA ASN B 179 -3.15 3.76 -11.34
CA ASN B 179 -3.15 3.77 -11.33
C ASN B 179 -1.82 4.44 -11.60
C ASN B 179 -1.81 4.46 -11.63
N SER B 180 -0.81 3.72 -12.10
CA SER B 180 0.48 4.32 -12.37
C SER B 180 1.31 3.37 -13.24
N LEU B 181 2.04 3.93 -14.21
CA LEU B 181 2.85 3.11 -15.09
C LEU B 181 3.91 2.35 -14.31
N GLU B 182 4.54 3.00 -13.32
CA GLU B 182 5.46 2.27 -12.46
C GLU B 182 4.75 1.10 -11.79
N GLY B 183 3.54 1.34 -11.26
CA GLY B 183 2.77 0.25 -10.69
C GLY B 183 2.50 -0.87 -11.68
N THR B 184 2.20 -0.50 -12.93
CA THR B 184 2.01 -1.52 -13.96
C THR B 184 3.27 -2.34 -14.15
N ALA B 185 4.43 -1.67 -14.18
CA ALA B 185 5.70 -2.38 -14.32
C ALA B 185 5.93 -3.31 -13.13
N GLN B 186 5.67 -2.83 -11.92
CA GLN B 186 5.90 -3.65 -10.74
C GLN B 186 5.01 -4.88 -10.75
N VAL B 187 3.74 -4.71 -11.12
CA VAL B 187 2.82 -5.83 -11.17
C VAL B 187 3.24 -6.82 -12.27
N LEU B 188 3.64 -6.30 -13.43
CA LEU B 188 4.09 -7.18 -14.50
C LEU B 188 5.26 -8.02 -14.04
N ASP B 189 6.29 -7.37 -13.47
CA ASP B 189 7.44 -8.09 -12.98
C ASP B 189 7.03 -9.16 -11.97
N PHE B 190 6.13 -8.81 -11.05
CA PHE B 190 5.65 -9.80 -10.08
C PHE B 190 4.94 -10.95 -10.78
N LEU B 191 4.04 -10.64 -11.71
CA LEU B 191 3.27 -11.68 -12.36
C LEU B 191 4.21 -12.64 -13.10
N VAL B 192 5.21 -12.12 -13.80
CA VAL B 192 6.08 -12.98 -14.59
C VAL B 192 6.83 -13.93 -13.66
N LYS B 193 7.48 -13.40 -12.61
CA LYS B 193 8.24 -14.27 -11.70
C LYS B 193 7.34 -15.27 -10.98
N GLN B 194 6.11 -14.87 -10.65
CA GLN B 194 5.20 -15.84 -10.07
C GLN B 194 4.95 -16.99 -11.02
N VAL B 195 4.80 -16.67 -12.31
CA VAL B 195 4.62 -17.72 -13.31
C VAL B 195 5.88 -18.57 -13.42
N GLN B 196 7.05 -17.93 -13.38
CA GLN B 196 8.30 -18.67 -13.47
C GLN B 196 8.42 -19.65 -12.30
N ASP B 197 8.08 -19.19 -11.10
CA ASP B 197 8.06 -20.03 -9.90
C ASP B 197 6.88 -20.99 -9.88
N LYS B 198 6.09 -21.04 -10.94
CA LYS B 198 4.93 -21.93 -11.03
C LYS B 198 3.92 -21.66 -9.92
N LYS B 199 3.98 -20.48 -9.31
CA LYS B 199 3.00 -20.06 -8.32
C LYS B 199 1.79 -19.36 -8.96
N LEU B 200 1.86 -19.07 -10.25
CA LEU B 200 0.71 -18.54 -10.98
C LEU B 200 0.72 -19.10 -12.40
N ALA C 13 7.26 6.81 7.18
CA ALA C 13 6.29 5.72 7.08
C ALA C 13 6.92 4.42 7.58
N PRO C 14 6.09 3.57 8.19
CA PRO C 14 6.58 2.28 8.68
C PRO C 14 6.90 1.32 7.56
N VAL C 15 7.68 0.30 7.90
CA VAL C 15 8.17 -0.68 6.95
C VAL C 15 7.38 -1.97 7.13
N ALA C 16 7.12 -2.64 6.01
CA ALA C 16 6.42 -3.92 6.03
C ALA C 16 7.42 -5.03 6.33
N GLY C 17 7.14 -5.80 7.39
CA GLY C 17 7.99 -6.89 7.81
C GLY C 17 8.70 -6.63 9.13
N LYS C 18 9.04 -5.38 9.41
CA LYS C 18 9.68 -4.99 10.65
C LYS C 18 8.68 -4.34 11.61
N ASP C 19 7.99 -3.30 11.16
CA ASP C 19 7.04 -2.58 11.99
C ASP C 19 5.66 -3.22 12.01
N PHE C 20 5.32 -4.02 10.99
CA PHE C 20 4.08 -4.75 11.00
C PHE C 20 4.21 -5.96 10.09
N GLU C 21 3.32 -6.94 10.31
CA GLU C 21 3.33 -8.20 9.60
C GLU C 21 2.10 -8.32 8.71
N VAL C 22 2.32 -8.76 7.47
CA VAL C 22 1.23 -9.04 6.54
C VAL C 22 0.83 -10.50 6.72
N MET C 23 -0.37 -10.73 7.24
CA MET C 23 -0.80 -12.08 7.57
C MET C 23 -0.84 -12.95 6.33
N LYS C 24 -0.16 -14.09 6.39
CA LYS C 24 -0.17 -15.01 5.25
C LYS C 24 -1.58 -15.54 4.98
N SER C 25 -2.40 -15.66 6.01
CA SER C 25 -3.79 -16.11 5.89
C SER C 25 -4.67 -15.06 6.56
N PRO C 26 -5.04 -14.00 5.85
CA PRO C 26 -5.92 -12.99 6.43
C PRO C 26 -7.27 -13.58 6.82
N GLN C 27 -7.89 -12.98 7.82
CA GLN C 27 -9.13 -13.48 8.41
C GLN C 27 -10.32 -12.64 7.98
N PRO C 28 -11.53 -13.20 8.07
CA PRO C 28 -12.72 -12.44 7.68
C PRO C 28 -12.88 -11.20 8.55
N VAL C 29 -13.18 -10.08 7.91
CA VAL C 29 -13.34 -8.81 8.61
C VAL C 29 -14.80 -8.62 9.00
N SER C 30 -15.03 -8.27 10.26
CA SER C 30 -16.37 -8.05 10.78
C SER C 30 -16.88 -6.63 10.55
N ALA C 31 -15.99 -5.68 10.30
CA ALA C 31 -16.42 -4.30 10.10
C ALA C 31 -17.21 -4.19 8.80
N PRO C 32 -18.13 -3.24 8.72
CA PRO C 32 -18.86 -3.03 7.46
C PRO C 32 -17.99 -2.27 6.46
N ALA C 33 -18.51 -2.13 5.26
CA ALA C 33 -17.88 -1.35 4.20
C ALA C 33 -17.99 0.14 4.54
N GLY C 34 -16.90 0.70 5.05
CA GLY C 34 -16.88 2.10 5.43
C GLY C 34 -16.09 2.29 6.72
N LYS C 35 -15.84 1.18 7.41
CA LYS C 35 -15.11 1.15 8.66
C LYS C 35 -13.92 0.21 8.50
N VAL C 36 -12.81 0.55 9.12
CA VAL C 36 -11.62 -0.29 9.14
C VAL C 36 -11.66 -1.09 10.43
N GLU C 37 -11.53 -2.41 10.33
CA GLU C 37 -11.54 -3.25 11.52
C GLU C 37 -10.20 -3.15 12.25
N VAL C 38 -10.25 -2.93 13.56
CA VAL C 38 -9.08 -2.89 14.42
C VAL C 38 -9.36 -3.79 15.61
N ILE C 39 -8.50 -4.79 15.83
CA ILE C 39 -8.65 -5.75 16.91
C ILE C 39 -7.42 -5.65 17.79
N GLU C 40 -7.64 -5.44 19.09
CA GLU C 40 -6.57 -5.42 20.08
C GLU C 40 -6.65 -6.71 20.89
N PHE C 41 -5.73 -7.63 20.64
CA PHE C 41 -5.53 -8.76 21.53
C PHE C 41 -4.75 -8.29 22.76
N PHE C 42 -5.32 -8.49 23.93
CA PHE C 42 -4.73 -8.00 25.17
C PHE C 42 -4.96 -9.01 26.29
N TRP C 43 -4.33 -8.74 27.43
CA TRP C 43 -4.48 -9.55 28.63
C TRP C 43 -4.47 -8.62 29.84
N TYR C 44 -5.44 -8.79 30.74
CA TYR C 44 -5.53 -7.91 31.90
C TYR C 44 -4.20 -7.84 32.65
N GLY C 45 -3.48 -8.97 32.70
CA GLY C 45 -2.26 -9.07 33.48
C GLY C 45 -0.99 -8.61 32.82
N CYS C 46 -1.06 -8.09 31.60
N CYS C 46 -1.05 -8.11 31.58
CA CYS C 46 0.11 -7.60 30.90
CA CYS C 46 0.13 -7.60 30.91
C CYS C 46 0.33 -6.13 31.21
C CYS C 46 0.32 -6.14 31.26
N PRO C 47 1.47 -5.74 31.80
CA PRO C 47 1.62 -4.33 32.20
C PRO C 47 1.56 -3.35 31.04
N HIS C 48 2.20 -3.68 29.91
CA HIS C 48 2.21 -2.77 28.78
C HIS C 48 0.84 -2.64 28.12
N CYS C 49 -0.03 -3.64 28.27
CA CYS C 49 -1.40 -3.48 27.81
CA CYS C 49 -1.41 -3.50 27.82
C CYS C 49 -2.13 -2.43 28.62
N TYR C 50 -1.95 -2.43 29.94
CA TYR C 50 -2.56 -1.41 30.79
C TYR C 50 -1.97 -0.04 30.49
N GLU C 51 -0.65 0.02 30.26
CA GLU C 51 -0.04 1.29 29.90
C GLU C 51 -0.52 1.76 28.53
N PHE C 52 -0.86 0.83 27.63
CA PHE C 52 -1.30 1.21 26.30
C PHE C 52 -2.75 1.67 26.29
N GLU C 53 -3.54 1.24 27.29
CA GLU C 53 -4.96 1.56 27.35
C GLU C 53 -5.26 3.02 27.09
N PRO C 54 -4.65 4.00 27.77
CA PRO C 54 -5.00 5.40 27.49
C PRO C 54 -4.71 5.79 26.05
N THR C 55 -3.61 5.29 25.49
CA THR C 55 -3.25 5.63 24.11
C THR C 55 -4.28 5.09 23.12
N ILE C 56 -4.61 3.81 23.24
CA ILE C 56 -5.54 3.20 22.29
C ILE C 56 -6.94 3.78 22.49
N GLU C 57 -7.34 4.03 23.74
CA GLU C 57 -8.65 4.63 23.99
C GLU C 57 -8.77 5.98 23.31
N ALA C 58 -7.78 6.85 23.50
CA ALA C 58 -7.82 8.16 22.87
C ALA C 58 -7.82 8.02 21.35
N TRP C 59 -7.00 7.13 20.81
CA TRP C 59 -6.93 6.96 19.36
C TRP C 59 -8.24 6.40 18.82
N VAL C 60 -8.82 5.40 19.50
CA VAL C 60 -10.07 4.83 19.04
C VAL C 60 -11.18 5.87 19.05
N LYS C 61 -11.25 6.67 20.12
CA LYS C 61 -12.27 7.73 20.18
C LYS C 61 -12.07 8.75 19.08
N LYS C 62 -10.82 9.11 18.78
CA LYS C 62 -10.56 10.08 17.72
C LYS C 62 -11.00 9.55 16.37
N GLN C 63 -10.78 8.27 16.10
CA GLN C 63 -11.19 7.69 14.83
C GLN C 63 -12.71 7.61 14.73
N GLY C 64 -13.37 7.21 15.82
CA GLY C 64 -14.82 7.23 15.83
C GLY C 64 -15.40 6.30 14.80
N ASP C 65 -16.30 6.84 13.98
CA ASP C 65 -17.02 6.06 12.97
C ASP C 65 -16.13 5.56 11.84
N LYS C 66 -14.83 5.88 11.85
CA LYS C 66 -13.95 5.44 10.77
C LYS C 66 -13.50 4.00 10.93
N ILE C 67 -13.66 3.41 12.11
CA ILE C 67 -13.17 2.07 12.39
C ILE C 67 -14.24 1.29 13.15
N ALA C 68 -13.98 -0.01 13.31
CA ALA C 68 -14.80 -0.91 14.13
C ALA C 68 -13.81 -1.59 15.08
N PHE C 69 -13.64 -1.03 16.28
CA PHE C 69 -12.64 -1.52 17.21
C PHE C 69 -13.23 -2.52 18.19
N LYS C 70 -12.46 -3.56 18.49
CA LYS C 70 -12.85 -4.53 19.50
C LYS C 70 -11.59 -5.06 20.20
N ARG C 71 -11.76 -5.51 21.43
CA ARG C 71 -10.70 -6.17 22.18
C ARG C 71 -10.99 -7.66 22.30
N VAL C 72 -9.93 -8.46 22.34
CA VAL C 72 -10.03 -9.90 22.52
C VAL C 72 -9.11 -10.30 23.66
N PRO C 73 -9.62 -10.92 24.73
CA PRO C 73 -8.74 -11.32 25.82
C PRO C 73 -7.85 -12.48 25.39
N VAL C 74 -6.69 -12.56 26.01
CA VAL C 74 -5.69 -13.58 25.71
C VAL C 74 -5.37 -14.30 27.01
N ALA C 75 -5.50 -15.62 27.00
CA ALA C 75 -5.19 -16.47 28.14
C ALA C 75 -4.07 -17.40 27.70
N PHE C 76 -2.82 -16.96 27.89
CA PHE C 76 -1.68 -17.77 27.48
C PHE C 76 -1.52 -19.03 28.33
N ARG C 77 -2.08 -19.05 29.55
CA ARG C 77 -2.01 -20.21 30.41
C ARG C 77 -3.41 -20.56 30.92
N ASP C 78 -3.55 -21.81 31.40
CA ASP C 78 -4.86 -22.27 31.84
C ASP C 78 -5.37 -21.44 33.00
N ASP C 79 -4.47 -21.00 33.89
CA ASP C 79 -4.84 -20.21 35.06
C ASP C 79 -5.38 -18.83 34.69
N PHE C 80 -5.17 -18.36 33.46
CA PHE C 80 -5.56 -17.00 33.08
C PHE C 80 -6.86 -16.98 32.30
N VAL C 81 -7.45 -18.16 32.02
CA VAL C 81 -8.77 -18.20 31.42
C VAL C 81 -9.76 -17.37 32.22
N PRO C 82 -9.76 -17.41 33.55
CA PRO C 82 -10.67 -16.55 34.31
C PRO C 82 -10.59 -15.08 33.92
N HIS C 83 -9.44 -14.62 33.41
CA HIS C 83 -9.35 -13.23 32.98
C HIS C 83 -10.15 -13.00 31.70
N SER C 84 -10.13 -13.97 30.78
CA SER C 84 -10.99 -13.87 29.60
C SER C 84 -12.46 -13.96 29.99
N LYS C 85 -12.80 -14.87 30.91
CA LYS C 85 -14.17 -14.94 31.40
C LYS C 85 -14.57 -13.62 32.07
N LEU C 86 -13.66 -13.03 32.83
CA LEU C 86 -13.94 -11.72 33.43
C LEU C 86 -14.26 -10.70 32.35
N PHE C 87 -13.42 -10.62 31.32
CA PHE C 87 -13.64 -9.66 30.25
C PHE C 87 -15.04 -9.79 29.66
N TYR C 88 -15.42 -11.01 29.27
CA TYR C 88 -16.71 -11.21 28.62
C TYR C 88 -17.86 -11.13 29.61
N ALA C 89 -17.61 -11.41 30.89
CA ALA C 89 -18.64 -11.23 31.90
C ALA C 89 -18.90 -9.75 32.14
N LEU C 90 -17.85 -8.95 32.28
CA LEU C 90 -18.02 -7.50 32.41
C LEU C 90 -18.76 -6.92 31.21
N ALA C 91 -18.42 -7.38 30.01
CA ALA C 91 -19.16 -6.96 28.82
C ALA C 91 -20.62 -7.40 28.90
N ALA C 92 -20.86 -8.63 29.35
CA ALA C 92 -22.24 -9.11 29.46
C ALA C 92 -23.04 -8.24 30.43
N LEU C 93 -22.40 -7.76 31.49
CA LEU C 93 -23.07 -6.86 32.41
C LEU C 93 -23.14 -5.43 31.90
N GLY C 94 -22.36 -5.10 30.87
CA GLY C 94 -22.37 -3.76 30.33
C GLY C 94 -21.64 -2.73 31.16
N VAL C 95 -20.67 -3.16 31.95
CA VAL C 95 -19.93 -2.28 32.85
C VAL C 95 -18.43 -2.28 32.54
N SER C 96 -18.05 -2.70 31.33
CA SER C 96 -16.64 -2.81 31.01
C SER C 96 -15.94 -1.47 31.08
N GLU C 97 -16.45 -0.47 30.37
CA GLU C 97 -15.78 0.82 30.29
C GLU C 97 -15.64 1.46 31.66
N LYS C 98 -16.60 1.22 32.56
CA LYS C 98 -16.58 1.88 33.87
C LYS C 98 -15.58 1.25 34.82
N VAL C 99 -15.59 -0.08 34.93
CA VAL C 99 -14.81 -0.76 35.96
C VAL C 99 -13.47 -1.29 35.48
N THR C 100 -13.24 -1.37 34.17
CA THR C 100 -12.00 -1.94 33.69
C THR C 100 -10.77 -1.20 34.21
N PRO C 101 -10.74 0.13 34.25
CA PRO C 101 -9.56 0.80 34.84
C PRO C 101 -9.25 0.34 36.26
N ALA C 102 -10.29 0.12 37.07
CA ALA C 102 -10.10 -0.42 38.41
C ALA C 102 -9.57 -1.85 38.35
N VAL C 103 -10.00 -2.63 37.37
CA VAL C 103 -9.51 -4.00 37.23
C VAL C 103 -8.01 -4.00 36.95
N PHE C 104 -7.58 -3.22 35.95
CA PHE C 104 -6.16 -3.11 35.67
C PHE C 104 -5.39 -2.65 36.90
N ASN C 105 -5.92 -1.63 37.58
CA ASN C 105 -5.22 -1.10 38.76
C ASN C 105 -5.11 -2.15 39.85
N ALA C 106 -6.17 -2.93 40.06
CA ALA C 106 -6.12 -3.97 41.08
C ALA C 106 -5.03 -4.99 40.77
N ILE C 107 -4.87 -5.34 39.50
CA ILE C 107 -3.90 -6.37 39.13
C ILE C 107 -2.48 -5.82 39.20
N HIS C 108 -2.26 -4.63 38.66
CA HIS C 108 -0.90 -4.14 38.45
C HIS C 108 -0.39 -3.24 39.56
N LYS C 109 -1.28 -2.55 40.29
CA LYS C 109 -0.88 -1.63 41.33
C LYS C 109 -1.25 -2.10 42.73
N GLU C 110 -2.34 -2.83 42.88
CA GLU C 110 -2.74 -3.37 44.17
C GLU C 110 -2.38 -4.84 44.30
N LYS C 111 -1.87 -5.48 43.24
CA LYS C 111 -1.42 -6.86 43.31
C LYS C 111 -2.54 -7.82 43.70
N ASN C 112 -3.76 -7.52 43.28
CA ASN C 112 -4.90 -8.43 43.38
C ASN C 112 -5.08 -9.01 41.98
N TYR C 113 -4.61 -10.24 41.79
CA TYR C 113 -4.50 -10.82 40.45
C TYR C 113 -5.82 -11.31 39.88
N LEU C 114 -6.90 -11.31 40.67
CA LEU C 114 -8.23 -11.62 40.17
C LEU C 114 -8.22 -12.90 39.34
N LEU C 115 -7.60 -13.94 39.89
CA LEU C 115 -7.39 -15.18 39.15
C LEU C 115 -8.48 -16.21 39.36
N THR C 116 -9.37 -16.00 40.34
CA THR C 116 -10.47 -16.91 40.58
C THR C 116 -11.77 -16.14 40.51
N PRO C 117 -12.87 -16.79 40.10
CA PRO C 117 -14.15 -16.05 40.05
C PRO C 117 -14.53 -15.43 41.38
N GLN C 118 -14.16 -16.06 42.50
CA GLN C 118 -14.54 -15.52 43.80
C GLN C 118 -13.82 -14.20 44.08
N ALA C 119 -12.52 -14.15 43.80
CA ALA C 119 -11.77 -12.91 43.98
C ALA C 119 -12.31 -11.82 43.07
N GLN C 120 -12.61 -12.16 41.82
CA GLN C 120 -13.21 -11.19 40.91
C GLN C 120 -14.52 -10.67 41.47
N ALA C 121 -15.38 -11.58 41.96
CA ALA C 121 -16.66 -11.15 42.51
C ALA C 121 -16.45 -10.22 43.70
N ASP C 122 -15.54 -10.58 44.61
CA ASP C 122 -15.32 -9.78 45.80
C ASP C 122 -14.83 -8.38 45.44
N PHE C 123 -13.84 -8.30 44.54
CA PHE C 123 -13.32 -7.00 44.14
C PHE C 123 -14.39 -6.15 43.44
N LEU C 124 -15.06 -6.73 42.44
CA LEU C 124 -16.06 -5.97 41.71
C LEU C 124 -17.18 -5.48 42.61
N ALA C 125 -17.43 -6.17 43.72
CA ALA C 125 -18.43 -5.70 44.68
C ALA C 125 -18.06 -4.33 45.23
N THR C 126 -16.76 -4.09 45.46
CA THR C 126 -16.30 -2.78 45.91
C THR C 126 -16.45 -1.71 44.84
N GLN C 127 -16.70 -2.09 43.59
CA GLN C 127 -16.87 -1.14 42.50
C GLN C 127 -18.32 -0.99 42.07
N GLY C 128 -19.26 -1.52 42.85
CA GLY C 128 -20.67 -1.35 42.58
C GLY C 128 -21.33 -2.43 41.77
N VAL C 129 -20.62 -3.53 41.51
CA VAL C 129 -21.15 -4.65 40.73
C VAL C 129 -21.69 -5.70 41.69
N ASP C 130 -22.92 -6.16 41.43
CA ASP C 130 -23.53 -7.18 42.27
C ASP C 130 -22.77 -8.49 42.16
N LYS C 131 -22.42 -9.07 43.31
CA LYS C 131 -21.65 -10.31 43.31
C LYS C 131 -22.41 -11.42 42.60
N LYS C 132 -23.69 -11.60 42.92
CA LYS C 132 -24.46 -12.68 42.32
C LYS C 132 -24.61 -12.47 40.81
N LYS C 133 -24.95 -11.25 40.40
CA LYS C 133 -25.12 -10.98 38.97
C LYS C 133 -23.84 -11.24 38.20
N PHE C 134 -22.70 -10.79 38.73
CA PHE C 134 -21.45 -11.02 38.02
C PHE C 134 -21.13 -12.51 37.90
N LEU C 135 -21.31 -13.26 38.98
CA LEU C 135 -21.02 -14.69 38.94
C LEU C 135 -21.96 -15.41 37.96
N ASP C 136 -23.24 -15.01 37.94
CA ASP C 136 -24.13 -15.57 36.93
C ASP C 136 -23.59 -15.33 35.53
N ALA C 137 -23.08 -14.14 35.27
CA ALA C 137 -22.48 -13.86 33.96
C ALA C 137 -21.21 -14.68 33.77
N TYR C 138 -20.38 -14.79 34.81
CA TYR C 138 -19.13 -15.51 34.70
C TYR C 138 -19.34 -16.96 34.28
N ASN C 139 -20.31 -17.64 34.91
CA ASN C 139 -20.58 -19.04 34.62
C ASN C 139 -21.61 -19.23 33.52
N SER C 140 -22.03 -18.15 32.85
CA SER C 140 -23.03 -18.27 31.80
C SER C 140 -22.47 -19.05 30.62
N PHE C 141 -23.36 -19.76 29.92
CA PHE C 141 -22.93 -20.48 28.73
C PHE C 141 -22.46 -19.53 27.63
N SER C 142 -23.05 -18.34 27.57
CA SER C 142 -22.65 -17.38 26.54
C SER C 142 -21.22 -16.89 26.76
N VAL C 143 -20.87 -16.58 28.00
CA VAL C 143 -19.51 -16.11 28.28
C VAL C 143 -18.50 -17.23 28.03
N GLN C 144 -18.82 -18.46 28.45
CA GLN C 144 -17.92 -19.57 28.17
C GLN C 144 -17.69 -19.72 26.68
N GLY C 145 -18.77 -19.67 25.91
CA GLY C 145 -18.66 -19.76 24.47
C GLY C 145 -17.78 -18.67 23.90
N GLN C 146 -17.90 -17.44 24.44
CA GLN C 146 -17.05 -16.35 23.98
C GLN C 146 -15.59 -16.61 24.32
N VAL C 147 -15.33 -17.20 25.49
CA VAL C 147 -13.96 -17.53 25.86
C VAL C 147 -13.42 -18.61 24.93
N LYS C 148 -14.21 -19.67 24.72
CA LYS C 148 -13.81 -20.70 23.77
C LYS C 148 -13.53 -20.08 22.40
N GLN C 149 -14.35 -19.11 22.01
CA GLN C 149 -14.15 -18.41 20.75
C GLN C 149 -12.87 -17.58 20.79
N SER C 150 -12.59 -16.92 21.92
CA SER C 150 -11.40 -16.10 22.01
C SER C 150 -10.14 -16.93 21.82
N ALA C 151 -10.16 -18.18 22.28
CA ALA C 151 -9.04 -19.08 22.01
C ALA C 151 -8.97 -19.39 20.52
N GLU C 152 -10.11 -19.68 19.90
CA GLU C 152 -10.13 -19.94 18.46
C GLU C 152 -9.55 -18.75 17.70
N LEU C 153 -9.91 -17.52 18.11
CA LEU C 153 -9.40 -16.35 17.42
C LEU C 153 -7.91 -16.17 17.66
N LEU C 154 -7.45 -16.37 18.90
CA LEU C 154 -6.02 -16.34 19.19
C LEU C 154 -5.26 -17.22 18.20
N LYS C 155 -5.78 -18.41 17.92
CA LYS C 155 -5.13 -19.30 16.96
C LYS C 155 -5.30 -18.79 15.54
N ASN C 156 -6.51 -18.35 15.18
CA ASN C 156 -6.76 -17.97 13.79
C ASN C 156 -5.88 -16.80 13.37
N TYR C 157 -5.75 -15.78 14.21
CA TYR C 157 -4.90 -14.64 13.91
C TYR C 157 -3.45 -14.92 14.24
N ASN C 158 -3.14 -16.10 14.76
CA ASN C 158 -1.78 -16.52 15.06
C ASN C 158 -1.08 -15.49 15.94
N ILE C 159 -1.71 -15.21 17.08
CA ILE C 159 -1.21 -14.25 18.05
C ILE C 159 -0.27 -14.96 19.01
N ASP C 160 0.96 -14.44 19.13
CA ASP C 160 1.96 -15.00 20.04
C ASP C 160 2.39 -14.01 21.11
N GLY C 161 1.85 -12.80 21.13
CA GLY C 161 2.20 -11.83 22.14
C GLY C 161 1.12 -10.79 22.29
N VAL C 162 1.21 -10.03 23.38
CA VAL C 162 0.26 -8.94 23.65
C VAL C 162 1.02 -7.73 24.14
N PRO C 163 0.49 -6.52 23.82
CA PRO C 163 -0.70 -6.28 23.00
C PRO C 163 -0.41 -6.47 21.51
N THR C 164 -1.34 -7.04 20.76
CA THR C 164 -1.21 -7.20 19.33
C THR C 164 -2.41 -6.58 18.64
N ILE C 165 -2.14 -5.67 17.70
CA ILE C 165 -3.18 -4.97 16.96
C ILE C 165 -3.30 -5.60 15.58
N VAL C 166 -4.53 -5.90 15.16
CA VAL C 166 -4.81 -6.46 13.84
C VAL C 166 -5.65 -5.45 13.09
N VAL C 167 -5.23 -5.12 11.87
CA VAL C 167 -5.93 -4.14 11.04
C VAL C 167 -6.52 -4.86 9.84
N GLN C 168 -7.84 -4.70 9.65
CA GLN C 168 -8.55 -5.26 8.51
C GLN C 168 -8.29 -6.76 8.35
N GLY C 169 -8.11 -7.45 9.48
CA GLY C 169 -7.88 -8.89 9.45
C GLY C 169 -6.75 -9.29 8.52
N LYS C 170 -5.79 -8.38 8.31
CA LYS C 170 -4.74 -8.59 7.33
C LYS C 170 -3.35 -8.16 7.81
N TYR C 171 -3.23 -7.20 8.72
CA TYR C 171 -1.94 -6.67 9.14
C TYR C 171 -1.84 -6.72 10.67
N LYS C 172 -0.78 -7.33 11.17
CA LYS C 172 -0.51 -7.42 12.60
C LYS C 172 0.62 -6.46 12.95
N THR C 173 0.48 -5.81 14.10
CA THR C 173 1.52 -4.93 14.62
C THR C 173 1.43 -4.92 16.14
N GLY C 174 2.39 -4.25 16.76
CA GLY C 174 2.46 -4.20 18.19
C GLY C 174 3.86 -3.91 18.68
N PRO C 175 4.02 -3.72 19.99
CA PRO C 175 5.37 -3.46 20.52
C PRO C 175 6.36 -4.57 20.22
N ALA C 176 5.88 -5.81 20.07
CA ALA C 176 6.77 -6.89 19.66
C ALA C 176 7.39 -6.62 18.30
N TYR C 177 6.67 -5.92 17.42
CA TYR C 177 7.19 -5.56 16.11
C TYR C 177 7.93 -4.23 16.13
N THR C 178 7.40 -3.22 16.83
CA THR C 178 7.96 -1.88 16.80
C THR C 178 8.85 -1.60 17.99
N ASN C 179 8.84 -2.45 19.02
CA ASN C 179 9.66 -2.28 20.21
C ASN C 179 9.33 -0.99 20.95
N SER C 180 8.15 -0.43 20.69
CA SER C 180 7.72 0.79 21.36
C SER C 180 6.21 0.90 21.24
N LEU C 181 5.57 1.26 22.36
CA LEU C 181 4.12 1.42 22.34
C LEU C 181 3.70 2.58 21.46
N GLU C 182 4.44 3.70 21.53
CA GLU C 182 4.18 4.81 20.61
C GLU C 182 4.35 4.36 19.17
N GLY C 183 5.40 3.59 18.89
CA GLY C 183 5.56 3.03 17.56
C GLY C 183 4.37 2.20 17.13
N THR C 184 3.81 1.43 18.06
CA THR C 184 2.61 0.65 17.76
C THR C 184 1.47 1.58 17.37
N ALA C 185 1.28 2.67 18.10
CA ALA C 185 0.22 3.61 17.77
C ALA C 185 0.44 4.19 16.38
N GLN C 186 1.67 4.61 16.07
CA GLN C 186 1.93 5.21 14.77
C GLN C 186 1.69 4.22 13.65
N VAL C 187 2.15 2.98 13.81
CA VAL C 187 1.94 1.97 12.79
C VAL C 187 0.46 1.68 12.61
N LEU C 188 -0.27 1.60 13.73
CA LEU C 188 -1.71 1.40 13.65
C LEU C 188 -2.36 2.53 12.86
N ASP C 189 -2.05 3.77 13.22
CA ASP C 189 -2.63 4.92 12.52
C ASP C 189 -2.33 4.87 11.04
N PHE C 190 -1.07 4.57 10.68
CA PHE C 190 -0.71 4.48 9.28
C PHE C 190 -1.49 3.37 8.58
N LEU C 191 -1.54 2.19 9.19
CA LEU C 191 -2.22 1.07 8.56
C LEU C 191 -3.68 1.39 8.31
N VAL C 192 -4.35 1.98 9.31
CA VAL C 192 -5.75 2.35 9.14
C VAL C 192 -5.89 3.35 8.00
N LYS C 193 -5.06 4.38 8.00
CA LYS C 193 -5.18 5.42 6.98
C LYS C 193 -4.92 4.85 5.58
N GLN C 194 -3.97 3.92 5.46
CA GLN C 194 -3.73 3.28 4.17
C GLN C 194 -4.94 2.48 3.72
N VAL C 195 -5.57 1.75 4.65
CA VAL C 195 -6.75 0.96 4.32
C VAL C 195 -7.91 1.87 3.94
N GLN C 196 -8.06 3.01 4.64
CA GLN C 196 -9.14 3.92 4.30
C GLN C 196 -9.02 4.42 2.87
N ASP C 197 -7.80 4.78 2.46
CA ASP C 197 -7.56 5.19 1.08
C ASP C 197 -7.51 4.00 0.13
N LYS C 198 -7.79 2.80 0.61
CA LYS C 198 -7.78 1.58 -0.21
C LYS C 198 -6.41 1.35 -0.85
N LYS C 199 -5.36 1.93 -0.28
CA LYS C 199 -3.98 1.71 -0.70
C LYS C 199 -3.37 0.49 -0.01
N LEU C 200 -4.07 -0.12 0.93
CA LEU C 200 -3.61 -1.33 1.59
C LEU C 200 -4.78 -2.27 1.84
N SER D 10 31.09 -4.85 -5.58
CA SER D 10 30.57 -6.08 -6.16
C SER D 10 29.09 -6.25 -5.82
N PRO D 11 28.33 -6.86 -6.73
CA PRO D 11 26.87 -6.95 -6.51
C PRO D 11 26.49 -7.94 -5.42
N SER D 12 27.25 -9.02 -5.25
CA SER D 12 26.90 -10.04 -4.26
C SER D 12 27.26 -9.61 -2.85
N ALA D 13 28.38 -8.92 -2.69
CA ALA D 13 28.79 -8.46 -1.37
C ALA D 13 27.73 -7.54 -0.78
N PRO D 14 27.59 -7.51 0.54
CA PRO D 14 26.66 -6.56 1.14
C PRO D 14 27.12 -5.14 0.87
N VAL D 15 26.17 -4.22 0.85
CA VAL D 15 26.44 -2.84 0.47
C VAL D 15 26.47 -1.97 1.72
N ALA D 16 27.33 -0.96 1.71
CA ALA D 16 27.48 -0.07 2.84
C ALA D 16 26.34 0.94 2.85
N GLY D 17 25.61 1.00 3.96
CA GLY D 17 24.49 1.89 4.14
C GLY D 17 23.15 1.17 4.17
N LYS D 18 23.02 0.08 3.43
CA LYS D 18 21.81 -0.72 3.42
C LYS D 18 21.92 -1.97 4.28
N ASP D 19 22.94 -2.79 4.02
CA ASP D 19 23.11 -4.02 4.77
C ASP D 19 23.86 -3.81 6.08
N PHE D 20 24.59 -2.71 6.21
CA PHE D 20 25.25 -2.37 7.46
C PHE D 20 25.49 -0.86 7.47
N GLU D 21 25.70 -0.32 8.67
CA GLU D 21 25.90 1.11 8.85
C GLU D 21 27.33 1.37 9.30
N VAL D 22 27.96 2.36 8.67
CA VAL D 22 29.29 2.81 9.07
C VAL D 22 29.08 3.94 10.08
N MET D 23 29.45 3.68 11.32
CA MET D 23 29.19 4.62 12.40
C MET D 23 29.89 5.95 12.15
N LYS D 24 29.13 7.04 12.23
CA LYS D 24 29.73 8.36 12.07
C LYS D 24 30.73 8.65 13.17
N SER D 25 30.54 8.06 14.35
CA SER D 25 31.43 8.22 15.49
C SER D 25 31.86 6.83 15.95
N PRO D 26 32.89 6.26 15.35
CA PRO D 26 33.35 4.93 15.78
C PRO D 26 33.78 4.95 17.25
N GLN D 27 33.63 3.81 17.90
CA GLN D 27 33.90 3.67 19.32
C GLN D 27 35.19 2.88 19.53
N PRO D 28 35.82 3.02 20.70
CA PRO D 28 37.06 2.26 20.96
C PRO D 28 36.79 0.76 20.97
N VAL D 29 37.69 0.01 20.33
CA VAL D 29 37.54 -1.43 20.25
C VAL D 29 38.26 -2.05 21.45
N SER D 30 37.57 -2.96 22.14
CA SER D 30 38.15 -3.63 23.29
C SER D 30 38.94 -4.87 22.92
N ALA D 31 38.69 -5.44 21.74
CA ALA D 31 39.43 -6.61 21.31
C ALA D 31 40.88 -6.23 21.04
N PRO D 32 41.81 -7.19 21.16
CA PRO D 32 43.21 -6.90 20.80
C PRO D 32 43.38 -6.81 19.30
N ALA D 33 44.60 -6.50 18.84
CA ALA D 33 44.85 -6.42 17.40
C ALA D 33 44.79 -7.77 16.69
N GLY D 34 44.58 -8.87 17.41
CA GLY D 34 44.58 -10.19 16.80
C GLY D 34 43.20 -10.80 16.66
N LYS D 35 42.22 -10.19 17.33
CA LYS D 35 40.83 -10.61 17.27
C LYS D 35 39.95 -9.47 16.78
N VAL D 36 38.89 -9.81 16.07
CA VAL D 36 37.92 -8.84 15.60
C VAL D 36 36.80 -8.74 16.63
N GLU D 37 36.50 -7.52 17.06
CA GLU D 37 35.46 -7.30 18.07
C GLU D 37 34.08 -7.47 17.46
N VAL D 38 33.23 -8.23 18.12
CA VAL D 38 31.84 -8.40 17.74
C VAL D 38 31.00 -8.20 18.99
N ILE D 39 30.09 -7.22 18.95
CA ILE D 39 29.24 -6.88 20.07
C ILE D 39 27.79 -7.06 19.63
N GLU D 40 27.02 -7.84 20.40
CA GLU D 40 25.61 -8.03 20.15
C GLU D 40 24.82 -7.26 21.20
N PHE D 41 24.22 -6.14 20.79
CA PHE D 41 23.20 -5.49 21.60
C PHE D 41 21.91 -6.28 21.44
N PHE D 42 21.36 -6.77 22.54
CA PHE D 42 20.18 -7.62 22.48
C PHE D 42 19.29 -7.33 23.69
N TRP D 43 18.11 -7.94 23.67
CA TRP D 43 17.15 -7.85 24.77
C TRP D 43 16.48 -9.21 24.92
N TYR D 44 16.45 -9.72 26.16
CA TYR D 44 15.89 -11.04 26.42
C TYR D 44 14.50 -11.19 25.81
N GLY D 45 13.71 -10.12 25.83
CA GLY D 45 12.34 -10.17 25.36
C GLY D 45 12.12 -9.93 23.89
N CYS D 46 13.16 -9.63 23.13
CA CYS D 46 12.99 -9.36 21.71
CA CYS D 46 12.99 -9.36 21.71
C CYS D 46 12.92 -10.67 20.93
N PRO D 47 11.88 -10.89 20.13
CA PRO D 47 11.77 -12.19 19.45
C PRO D 47 12.94 -12.48 18.52
N HIS D 48 13.34 -11.51 17.70
CA HIS D 48 14.46 -11.74 16.78
C HIS D 48 15.72 -12.15 17.54
N CYS D 49 15.95 -11.57 18.72
CA CYS D 49 17.10 -11.95 19.51
CA CYS D 49 17.11 -11.95 19.50
C CYS D 49 17.03 -13.42 19.92
N TYR D 50 15.86 -13.86 20.38
CA TYR D 50 15.68 -15.26 20.76
C TYR D 50 15.86 -16.19 19.59
N GLU D 51 15.33 -15.83 18.43
CA GLU D 51 15.48 -16.66 17.24
C GLU D 51 16.92 -16.67 16.77
N PHE D 52 17.65 -15.59 17.00
CA PHE D 52 19.03 -15.46 16.53
C PHE D 52 20.02 -16.19 17.41
N GLU D 53 19.69 -16.44 18.67
CA GLU D 53 20.61 -17.08 19.61
C GLU D 53 21.31 -18.30 19.03
N PRO D 54 20.61 -19.30 18.49
CA PRO D 54 21.34 -20.47 17.97
C PRO D 54 22.29 -20.12 16.84
N THR D 55 21.89 -19.23 15.96
CA THR D 55 22.74 -18.87 14.82
C THR D 55 24.00 -18.16 15.29
N ILE D 56 23.85 -17.16 16.16
CA ILE D 56 25.00 -16.38 16.60
C ILE D 56 25.92 -17.24 17.47
N GLU D 57 25.35 -18.11 18.32
N GLU D 57 25.35 -18.11 18.32
CA GLU D 57 26.17 -18.99 19.13
CA GLU D 57 26.17 -18.99 19.13
C GLU D 57 27.02 -19.90 18.27
C GLU D 57 27.02 -19.90 18.27
N ALA D 58 26.41 -20.57 17.30
CA ALA D 58 27.15 -21.44 16.40
C ALA D 58 28.21 -20.66 15.64
N TRP D 59 27.87 -19.47 15.14
CA TRP D 59 28.82 -18.68 14.38
C TRP D 59 29.99 -18.26 15.26
N VAL D 60 29.71 -17.84 16.49
CA VAL D 60 30.79 -17.42 17.39
C VAL D 60 31.71 -18.59 17.68
N LYS D 61 31.15 -19.77 17.97
CA LYS D 61 32.00 -20.93 18.22
C LYS D 61 32.82 -21.29 17.00
N LYS D 62 32.24 -21.19 15.80
CA LYS D 62 32.99 -21.51 14.59
C LYS D 62 34.17 -20.55 14.42
N GLN D 63 33.97 -19.27 14.72
CA GLN D 63 35.07 -18.31 14.63
C GLN D 63 36.11 -18.55 15.72
N GLY D 64 35.66 -18.80 16.94
CA GLY D 64 36.58 -19.15 18.01
C GLY D 64 37.55 -18.03 18.31
N ASP D 65 38.85 -18.36 18.30
CA ASP D 65 39.90 -17.42 18.66
C ASP D 65 40.09 -16.30 17.65
N LYS D 66 39.31 -16.28 16.56
CA LYS D 66 39.47 -15.25 15.54
C LYS D 66 38.79 -13.94 15.94
N ILE D 67 37.88 -13.97 16.91
CA ILE D 67 37.07 -12.82 17.28
C ILE D 67 37.02 -12.70 18.80
N ALA D 68 36.47 -11.58 19.25
CA ALA D 68 36.20 -11.31 20.67
C ALA D 68 34.73 -10.93 20.78
N PHE D 69 33.87 -11.90 21.08
CA PHE D 69 32.44 -11.70 21.07
C PHE D 69 31.96 -11.27 22.46
N LYS D 70 31.02 -10.34 22.47
CA LYS D 70 30.41 -9.87 23.71
C LYS D 70 28.94 -9.52 23.46
N ARG D 71 28.13 -9.70 24.49
CA ARG D 71 26.74 -9.27 24.48
C ARG D 71 26.56 -8.10 25.43
N VAL D 72 25.64 -7.19 25.07
CA VAL D 72 25.28 -6.08 25.93
C VAL D 72 23.75 -6.06 26.07
N PRO D 73 23.21 -6.15 27.27
CA PRO D 73 21.76 -6.12 27.42
C PRO D 73 21.22 -4.74 27.09
N VAL D 74 19.96 -4.69 26.66
CA VAL D 74 19.32 -3.45 26.24
C VAL D 74 18.03 -3.29 27.03
N ALA D 75 17.89 -2.16 27.70
CA ALA D 75 16.67 -1.81 28.43
C ALA D 75 16.16 -0.51 27.83
N PHE D 76 15.31 -0.62 26.80
CA PHE D 76 14.75 0.57 26.17
C PHE D 76 13.80 1.31 27.09
N ARG D 77 13.38 0.70 28.20
CA ARG D 77 12.50 1.32 29.17
C ARG D 77 12.99 0.96 30.56
N ASP D 78 12.60 1.79 31.54
CA ASP D 78 12.89 1.45 32.92
C ASP D 78 12.34 0.08 33.28
N ASP D 79 11.24 -0.33 32.66
CA ASP D 79 10.66 -1.63 32.98
C ASP D 79 11.62 -2.78 32.67
N PHE D 80 12.63 -2.56 31.83
CA PHE D 80 13.50 -3.64 31.38
C PHE D 80 14.87 -3.58 32.01
N VAL D 81 15.16 -2.59 32.87
CA VAL D 81 16.41 -2.58 33.60
C VAL D 81 16.60 -3.90 34.33
N PRO D 82 15.59 -4.48 34.98
CA PRO D 82 15.78 -5.78 35.62
C PRO D 82 16.33 -6.84 34.69
N HIS D 83 16.09 -6.73 33.39
CA HIS D 83 16.67 -7.69 32.45
C HIS D 83 18.18 -7.47 32.28
N SER D 84 18.62 -6.22 32.29
CA SER D 84 20.05 -5.95 32.29
C SER D 84 20.71 -6.44 33.58
N LYS D 85 20.03 -6.21 34.72
CA LYS D 85 20.53 -6.75 35.99
C LYS D 85 20.56 -8.27 35.97
N LEU D 86 19.54 -8.90 35.38
CA LEU D 86 19.54 -10.35 35.23
C LEU D 86 20.76 -10.81 34.44
N PHE D 87 20.99 -10.20 33.28
CA PHE D 87 22.13 -10.58 32.43
C PHE D 87 23.44 -10.51 33.21
N TYR D 88 23.71 -9.39 33.85
CA TYR D 88 24.99 -9.21 34.53
C TYR D 88 25.05 -9.99 35.84
N ALA D 89 23.90 -10.27 36.46
CA ALA D 89 23.90 -11.10 37.65
C ALA D 89 24.19 -12.55 37.30
N LEU D 90 23.55 -13.08 36.25
CA LEU D 90 23.87 -14.42 35.79
C LEU D 90 25.34 -14.52 35.41
N ALA D 91 25.87 -13.50 34.74
CA ALA D 91 27.28 -13.48 34.41
C ALA D 91 28.14 -13.49 35.66
N ALA D 92 27.74 -12.70 36.67
CA ALA D 92 28.52 -12.66 37.91
C ALA D 92 28.54 -14.03 38.59
N LEU D 93 27.44 -14.78 38.50
CA LEU D 93 27.40 -16.12 39.06
C LEU D 93 28.08 -17.15 38.17
N GLY D 94 28.34 -16.81 36.91
CA GLY D 94 28.99 -17.74 36.01
C GLY D 94 28.12 -18.84 35.47
N VAL D 95 26.81 -18.62 35.38
CA VAL D 95 25.87 -19.63 34.93
C VAL D 95 25.13 -19.17 33.67
N SER D 96 25.67 -18.18 32.96
CA SER D 96 24.98 -17.64 31.80
C SER D 96 24.78 -18.70 30.73
N GLU D 97 25.87 -19.39 30.35
CA GLU D 97 25.76 -20.37 29.27
C GLU D 97 24.75 -21.45 29.61
N LYS D 98 24.62 -21.82 30.88
CA LYS D 98 23.77 -22.94 31.26
C LYS D 98 22.30 -22.53 31.30
N VAL D 99 21.97 -21.42 31.96
CA VAL D 99 20.58 -21.07 32.22
C VAL D 99 20.00 -20.09 31.21
N THR D 100 20.83 -19.42 30.41
CA THR D 100 20.30 -18.44 29.48
C THR D 100 19.31 -19.06 28.51
N PRO D 101 19.56 -20.22 27.90
CA PRO D 101 18.54 -20.83 27.04
C PRO D 101 17.22 -21.03 27.78
N ALA D 102 17.27 -21.43 29.05
CA ALA D 102 16.07 -21.57 29.84
C ALA D 102 15.40 -20.21 30.09
N VAL D 103 16.20 -19.15 30.22
CA VAL D 103 15.62 -17.82 30.39
C VAL D 103 14.84 -17.42 29.15
N PHE D 104 15.44 -17.57 27.97
CA PHE D 104 14.73 -17.28 26.73
C PHE D 104 13.46 -18.11 26.63
N ASN D 105 13.55 -19.41 26.92
CA ASN D 105 12.38 -20.27 26.81
C ASN D 105 11.27 -19.82 27.74
N ALA D 106 11.63 -19.46 28.98
CA ALA D 106 10.61 -18.99 29.92
C ALA D 106 9.92 -17.74 29.41
N ILE D 107 10.66 -16.85 28.79
CA ILE D 107 10.10 -15.55 28.37
C ILE D 107 9.22 -15.72 27.14
N HIS D 108 9.70 -16.44 26.13
CA HIS D 108 9.05 -16.48 24.83
C HIS D 108 8.10 -17.65 24.65
N LYS D 109 8.31 -18.75 25.38
CA LYS D 109 7.48 -19.94 25.23
C LYS D 109 6.60 -20.21 26.43
N GLU D 110 7.03 -19.84 27.64
CA GLU D 110 6.22 -20.00 28.84
C GLU D 110 5.58 -18.68 29.27
N LYS D 111 5.90 -17.59 28.58
CA LYS D 111 5.30 -16.27 28.85
C LYS D 111 5.54 -15.83 30.29
N ASN D 112 6.67 -16.23 30.85
CA ASN D 112 7.13 -15.76 32.17
C ASN D 112 8.20 -14.72 31.87
N TYR D 113 7.82 -13.44 31.97
CA TYR D 113 8.71 -12.38 31.50
C TYR D 113 9.84 -12.07 32.46
N LEU D 114 9.83 -12.64 33.67
CA LEU D 114 10.95 -12.50 34.60
C LEU D 114 11.39 -11.04 34.71
N LEU D 115 10.42 -10.16 34.97
CA LEU D 115 10.68 -8.73 35.00
C LEU D 115 11.04 -8.20 36.38
N THR D 116 10.91 -9.02 37.42
CA THR D 116 11.25 -8.59 38.77
C THR D 116 12.32 -9.51 39.35
N PRO D 117 13.17 -9.01 40.23
CA PRO D 117 14.20 -9.88 40.83
C PRO D 117 13.63 -11.09 41.53
N GLN D 118 12.45 -10.98 42.14
CA GLN D 118 11.87 -12.13 42.84
C GLN D 118 11.43 -13.20 41.84
N ALA D 119 10.76 -12.79 40.77
CA ALA D 119 10.37 -13.76 39.75
C ALA D 119 11.60 -14.42 39.12
N GLN D 120 12.63 -13.62 38.85
CA GLN D 120 13.87 -14.18 38.34
C GLN D 120 14.46 -15.19 39.32
N ALA D 121 14.52 -14.83 40.60
CA ALA D 121 15.08 -15.74 41.60
C ALA D 121 14.28 -17.04 41.66
N ASP D 122 12.95 -16.93 41.67
CA ASP D 122 12.11 -18.13 41.78
C ASP D 122 12.31 -19.05 40.58
N PHE D 123 12.30 -18.48 39.37
CA PHE D 123 12.49 -19.32 38.19
C PHE D 123 13.88 -19.95 38.19
N LEU D 124 14.92 -19.14 38.39
CA LEU D 124 16.28 -19.68 38.37
C LEU D 124 16.48 -20.74 39.45
N ALA D 125 15.70 -20.67 40.52
CA ALA D 125 15.75 -21.72 41.53
C ALA D 125 15.36 -23.07 40.93
N THR D 126 14.38 -23.07 40.01
CA THR D 126 14.02 -24.31 39.34
C THR D 126 15.11 -24.78 38.38
N GLN D 127 16.08 -23.92 38.05
CA GLN D 127 17.18 -24.26 37.16
C GLN D 127 18.49 -24.48 37.91
N GLY D 128 18.45 -24.58 39.24
CA GLY D 128 19.62 -24.89 40.01
C GLY D 128 20.39 -23.71 40.55
N VAL D 129 19.86 -22.50 40.45
CA VAL D 129 20.55 -21.30 40.93
C VAL D 129 20.00 -20.95 42.31
N ASP D 130 20.91 -20.72 43.26
CA ASP D 130 20.51 -20.39 44.62
C ASP D 130 19.81 -19.03 44.67
N LYS D 131 18.64 -18.99 45.33
CA LYS D 131 17.92 -17.73 45.42
C LYS D 131 18.74 -16.65 46.09
N LYS D 132 19.35 -16.98 47.23
CA LYS D 132 20.10 -15.99 47.99
C LYS D 132 21.31 -15.49 47.20
N LYS D 133 22.07 -16.40 46.61
CA LYS D 133 23.25 -15.99 45.84
C LYS D 133 22.85 -15.12 44.67
N PHE D 134 21.80 -15.50 43.93
CA PHE D 134 21.38 -14.71 42.79
C PHE D 134 20.96 -13.30 43.21
N LEU D 135 20.16 -13.20 44.26
CA LEU D 135 19.70 -11.90 44.72
C LEU D 135 20.86 -11.03 45.19
N ASP D 136 21.84 -11.63 45.86
CA ASP D 136 23.04 -10.88 46.22
C ASP D 136 23.72 -10.30 44.98
N ALA D 137 23.81 -11.10 43.90
CA ALA D 137 24.40 -10.60 42.67
C ALA D 137 23.52 -9.53 42.02
N TYR D 138 22.20 -9.75 42.03
CA TYR D 138 21.29 -8.81 41.38
C TYR D 138 21.43 -7.41 41.96
N ASN D 139 21.50 -7.30 43.28
CA ASN D 139 21.58 -6.03 43.98
C ASN D 139 23.02 -5.59 44.22
N SER D 140 24.00 -6.30 43.66
CA SER D 140 25.39 -5.94 43.90
C SER D 140 25.72 -4.61 43.24
N PHE D 141 26.69 -3.89 43.83
CA PHE D 141 27.13 -2.64 43.24
C PHE D 141 27.79 -2.86 41.88
N SER D 142 28.44 -4.01 41.70
CA SER D 142 29.11 -4.29 40.43
C SER D 142 28.10 -4.44 39.30
N VAL D 143 27.00 -5.16 39.56
CA VAL D 143 25.96 -5.29 38.54
C VAL D 143 25.32 -3.94 38.27
N GLN D 144 25.08 -3.15 39.31
CA GLN D 144 24.53 -1.81 39.10
C GLN D 144 25.45 -1.00 38.19
N GLY D 145 26.75 -1.03 38.46
CA GLY D 145 27.69 -0.34 37.59
C GLY D 145 27.67 -0.85 36.16
N GLN D 146 27.59 -2.18 35.99
CA GLN D 146 27.58 -2.76 34.65
C GLN D 146 26.31 -2.38 33.89
N VAL D 147 25.18 -2.32 34.58
CA VAL D 147 23.94 -1.92 33.92
C VAL D 147 24.01 -0.47 33.47
N LYS D 148 24.44 0.43 34.36
CA LYS D 148 24.62 1.81 33.96
C LYS D 148 25.58 1.92 32.78
N GLN D 149 26.64 1.11 32.78
CA GLN D 149 27.58 1.14 31.67
C GLN D 149 26.91 0.66 30.39
N SER D 150 26.07 -0.38 30.48
CA SER D 150 25.39 -0.87 29.30
C SER D 150 24.49 0.20 28.71
N ALA D 151 23.87 1.02 29.56
CA ALA D 151 23.09 2.16 29.08
C ALA D 151 23.99 3.19 28.40
N GLU D 152 25.12 3.51 29.03
CA GLU D 152 26.07 4.44 28.42
C GLU D 152 26.51 3.95 27.05
N LEU D 153 26.76 2.65 26.92
CA LEU D 153 27.18 2.11 25.63
C LEU D 153 26.04 2.17 24.62
N LEU D 154 24.82 1.84 25.04
CA LEU D 154 23.67 2.03 24.17
C LEU D 154 23.68 3.42 23.56
N LYS D 155 24.01 4.43 24.38
CA LYS D 155 24.09 5.80 23.87
C LYS D 155 25.31 5.98 22.96
N ASN D 156 26.46 5.43 23.36
CA ASN D 156 27.67 5.65 22.59
C ASN D 156 27.56 5.07 21.19
N TYR D 157 27.02 3.86 21.06
CA TYR D 157 26.87 3.19 19.77
C TYR D 157 25.59 3.58 19.04
N ASN D 158 24.80 4.50 19.58
CA ASN D 158 23.56 4.95 18.94
C ASN D 158 22.71 3.76 18.50
N ILE D 159 22.49 2.85 19.44
CA ILE D 159 21.65 1.68 19.19
C ILE D 159 20.21 2.06 19.42
N ASP D 160 19.37 1.86 18.40
CA ASP D 160 17.94 2.13 18.50
C ASP D 160 17.09 0.90 18.30
N GLY D 161 17.69 -0.27 18.08
CA GLY D 161 16.94 -1.49 17.90
C GLY D 161 17.80 -2.69 18.21
N VAL D 162 17.14 -3.83 18.37
CA VAL D 162 17.83 -5.09 18.64
C VAL D 162 17.21 -6.20 17.81
N PRO D 163 18.02 -7.22 17.46
CA PRO D 163 19.45 -7.33 17.75
C PRO D 163 20.28 -6.44 16.83
N THR D 164 21.34 -5.84 17.37
CA THR D 164 22.26 -5.04 16.57
C THR D 164 23.66 -5.57 16.80
N ILE D 165 24.36 -5.92 15.73
CA ILE D 165 25.71 -6.45 15.78
C ILE D 165 26.68 -5.35 15.38
N VAL D 166 27.70 -5.14 16.19
CA VAL D 166 28.73 -4.13 15.93
C VAL D 166 30.06 -4.81 15.73
N VAL D 167 30.74 -4.50 14.63
CA VAL D 167 32.01 -5.10 14.28
C VAL D 167 33.10 -4.03 14.40
N GLN D 168 34.14 -4.34 15.17
CA GLN D 168 35.30 -3.45 15.32
C GLN D 168 34.86 -2.04 15.71
N GLY D 169 33.77 -1.95 16.47
CA GLY D 169 33.25 -0.67 16.90
C GLY D 169 33.05 0.32 15.76
N LYS D 170 32.82 -0.17 14.56
CA LYS D 170 32.75 0.69 13.38
C LYS D 170 31.63 0.34 12.42
N TYR D 171 31.17 -0.91 12.35
CA TYR D 171 30.16 -1.32 11.39
C TYR D 171 29.03 -2.01 12.15
N LYS D 172 27.82 -1.49 11.95
CA LYS D 172 26.60 -1.97 12.58
C LYS D 172 25.75 -2.70 11.56
N THR D 173 25.12 -3.80 11.99
CA THR D 173 24.19 -4.52 11.14
C THR D 173 23.16 -5.21 12.02
N GLY D 174 22.18 -5.85 11.37
CA GLY D 174 21.11 -6.51 12.06
C GLY D 174 19.88 -6.66 11.18
N PRO D 175 18.86 -7.34 11.70
CA PRO D 175 17.64 -7.52 10.88
C PRO D 175 17.01 -6.21 10.45
N ALA D 176 17.21 -5.14 11.23
CA ALA D 176 16.74 -3.83 10.81
C ALA D 176 17.40 -3.40 9.52
N TYR D 177 18.64 -3.83 9.28
CA TYR D 177 19.35 -3.52 8.05
C TYR D 177 19.13 -4.58 6.98
N THR D 178 19.16 -5.86 7.36
CA THR D 178 19.11 -6.96 6.41
C THR D 178 17.72 -7.56 6.25
N ASN D 179 16.78 -7.22 7.12
CA ASN D 179 15.41 -7.72 7.04
C ASN D 179 15.37 -9.25 7.07
N SER D 180 16.38 -9.88 7.66
CA SER D 180 16.42 -11.31 7.81
C SER D 180 17.59 -11.68 8.71
N LEU D 181 17.36 -12.62 9.62
CA LEU D 181 18.43 -13.04 10.52
C LEU D 181 19.57 -13.68 9.75
N GLU D 182 19.25 -14.50 8.74
CA GLU D 182 20.30 -15.05 7.89
C GLU D 182 21.12 -13.94 7.25
N GLY D 183 20.44 -12.89 6.75
CA GLY D 183 21.17 -11.77 6.18
C GLY D 183 22.10 -11.12 7.20
N THR D 184 21.65 -10.99 8.44
CA THR D 184 22.51 -10.44 9.48
C THR D 184 23.75 -11.31 9.68
N ALA D 185 23.57 -12.63 9.71
CA ALA D 185 24.72 -13.53 9.90
C ALA D 185 25.72 -13.39 8.76
N GLN D 186 25.24 -13.42 7.51
CA GLN D 186 26.16 -13.33 6.38
C GLN D 186 26.86 -11.98 6.34
N VAL D 187 26.14 -10.90 6.65
CA VAL D 187 26.77 -9.58 6.68
C VAL D 187 27.83 -9.55 7.78
N LEU D 188 27.50 -10.14 8.94
CA LEU D 188 28.48 -10.23 10.02
C LEU D 188 29.72 -10.98 9.56
N ASP D 189 29.53 -12.15 8.97
CA ASP D 189 30.67 -12.93 8.47
C ASP D 189 31.49 -12.13 7.47
N PHE D 190 30.82 -11.42 6.56
CA PHE D 190 31.54 -10.60 5.59
C PHE D 190 32.32 -9.50 6.29
N LEU D 191 31.69 -8.80 7.23
CA LEU D 191 32.35 -7.69 7.89
C LEU D 191 33.59 -8.13 8.65
N VAL D 192 33.49 -9.21 9.42
CA VAL D 192 34.65 -9.68 10.19
C VAL D 192 35.78 -10.03 9.25
N LYS D 193 35.49 -10.78 8.18
CA LYS D 193 36.54 -11.18 7.25
C LYS D 193 37.15 -9.97 6.56
N GLN D 194 36.33 -8.96 6.26
CA GLN D 194 36.87 -7.72 5.70
C GLN D 194 37.82 -7.04 6.68
N VAL D 195 37.46 -7.02 7.96
CA VAL D 195 38.33 -6.41 8.96
C VAL D 195 39.64 -7.19 9.08
N GLN D 196 39.57 -8.52 9.07
CA GLN D 196 40.79 -9.32 9.16
C GLN D 196 41.70 -9.05 7.97
N ASP D 197 41.14 -8.96 6.76
CA ASP D 197 41.89 -8.64 5.56
C ASP D 197 42.29 -7.16 5.48
N LYS D 198 42.04 -6.39 6.53
CA LYS D 198 42.37 -4.97 6.58
C LYS D 198 41.70 -4.17 5.47
N LYS D 199 40.61 -4.71 4.90
CA LYS D 199 39.81 -3.97 3.94
C LYS D 199 38.74 -3.12 4.60
N LEU D 200 38.52 -3.29 5.91
CA LEU D 200 37.60 -2.46 6.67
C LEU D 200 38.13 -2.24 8.09
N1 YCY E . -3.49 10.84 -30.18
N1 YCY E . -10.51 12.22 -30.41
C4 YCY E . -6.76 11.35 -30.42
C4 YCY E . -7.03 12.54 -32.53
C5 YCY E . -5.86 11.64 -31.45
C5 YCY E . -7.85 12.55 -31.40
C6 YCY E . -2.91 11.90 -29.37
C6 YCY E . -11.23 11.04 -30.90
C7 YCY E . -3.29 12.08 -28.03
C7 YCY E . -11.21 9.85 -30.16
C8 YCY E . -2.75 13.10 -27.23
C8 YCY E . -11.89 8.69 -30.57
C10 YCY E . -1.41 13.81 -29.08
C10 YCY E . -12.65 9.87 -32.52
C13 YCY E . -7.63 13.21 -32.22
C13 YCY E . -5.98 11.29 -30.35
C1 YCY E . -10.83 13.11 -31.93
C1 YCY E . -3.43 10.09 -32.68
C11 YCY E . -1.95 12.79 -29.87
C11 YCY E . -11.96 11.02 -32.09
C12 YCY E . -6.34 12.61 -32.36
C12 YCY E . -7.27 11.89 -30.29
C2 YCY E . -8.41 12.84 -31.19
C2 YCY E . -5.27 11.34 -31.50
C3 YCY E . -8.04 11.94 -30.27
C3 YCY E . -5.73 11.95 -32.61
C9 YCY E . -1.79 13.97 -27.76
C9 YCY E . -12.62 8.70 -31.77
O1 YCY E . -9.69 13.49 -31.07
O1 YCY E . -3.98 10.70 -31.44
O2 YCY E . -3.44 11.79 -32.48
O2 YCY E . -9.40 14.44 -30.39
O3 YCY E . -4.30 9.59 -32.14
O3 YCY E . -10.09 13.53 -32.45
S1 YCY E . -4.24 10.92 -31.67
S1 YCY E . -9.50 13.27 -31.21
H6 YCY E . -3.40 10.08 -29.78
H6 YCY E . -10.67 12.35 -29.58
H5 YCY E . -6.57 10.74 -29.76
H5 YCY E . -7.28 12.94 -33.33
H7 YCY E . -3.93 11.51 -27.66
H7 YCY E . -10.74 9.81 -29.36
H8 YCY E . -3.00 13.24 -26.34
H8 YCY E . -11.89 7.89 -30.09
H10 YCY E . -0.77 14.38 -29.44
H10 YCY E . -13.13 9.89 -33.32
H13 YCY E . -7.92 13.86 -32.82
H13 YCY E . -5.61 10.87 -29.60
H2 YCY E . -11.62 12.85 -31.44
H2 YCY E . -3.12 10.74 -33.33
H3 YCY E . -10.66 12.36 -32.52
H3 YCY E . -4.05 9.54 -33.17
H1 YCY E . -11.13 13.81 -32.52
H1 YCY E . -2.66 9.52 -32.54
H11 YCY E . -1.64 12.75 -30.75
H11 YCY E . -12.04 11.76 -32.64
H12 YCY E . -5.82 12.88 -33.08
H12 YCY E . -7.72 11.82 -29.48
H4 YCY E . -8.58 11.71 -29.55
H4 YCY E . -5.24 11.98 -33.41
H9 YCY E . -1.44 14.65 -27.22
H9 YCY E . -13.07 7.92 -32.04
S SO4 F . 7.58 3.76 24.23
O1 SO4 F . 7.42 2.31 24.12
O2 SO4 F . 8.31 4.05 25.46
O3 SO4 F . 6.27 4.41 24.28
O4 SO4 F . 8.33 4.25 23.08
N1 YCY G . 6.67 -5.84 23.94
C4 YCY G . 6.69 -7.21 27.56
C5 YCY G . 6.75 -7.41 26.19
C6 YCY G . 7.42 -4.59 24.19
C7 YCY G . 6.88 -3.53 24.93
C8 YCY G . 7.58 -2.32 25.16
C10 YCY G . 9.41 -3.19 23.88
C13 YCY G . 8.72 -8.84 26.72
C1 YCY G . 10.27 -10.32 28.60
C11 YCY G . 8.70 -4.38 23.66
C12 YCY G . 7.81 -8.25 25.78
C2 YCY G . 8.55 -8.57 28.03
C3 YCY G . 7.58 -7.77 28.50
C9 YCY G . 8.85 -2.14 24.63
O1 YCY G . 9.46 -9.14 29.00
O2 YCY G . 5.19 -7.85 24.16
O3 YCY G . 4.72 -5.90 25.46
S1 YCY G . 5.71 -6.76 24.94
H6 YCY G . 6.77 -6.08 23.13
H5 YCY G . 6.04 -6.67 27.96
H7 YCY G . 6.03 -3.61 25.30
H8 YCY G . 7.23 -1.61 25.65
H10 YCY G . 10.25 -3.08 23.52
H13 YCY G . 9.41 -9.39 26.44
H2 YCY G . 10.68 -10.80 29.34
H3 YCY G . 9.78 -11.01 28.12
H1 YCY G . 11.02 -10.12 28.01
H11 YCY G . 9.15 -5.01 23.15
H12 YCY G . 7.94 -8.45 24.89
H4 YCY G . 7.48 -7.58 29.41
H9 YCY G . 9.31 -1.35 24.77
#